data_1WBI
#
_entry.id   1WBI
#
_cell.length_a   97.669
_cell.length_b   99.936
_cell.length_c   135.191
_cell.angle_alpha   90.00
_cell.angle_beta   90.00
_cell.angle_gamma   90.00
#
_symmetry.space_group_name_H-M   'P 21 21 21'
#
loop_
_entity.id
_entity.type
_entity.pdbx_description
1 polymer 'AVIDIN-RELATED PROTEIN 2'
2 non-polymer BIOTIN
3 non-polymer GLYCEROL
4 non-polymer 'SULFATE ION'
5 water water
#
_entity_poly.entity_id   1
_entity_poly.type   'polypeptide(L)'
_entity_poly.pdbx_seq_one_letter_code
;QTVARKCSLTGEWDNDLGSIMTIGAVNDNGEFDGTYITAVADNPGNITLSPLLGIQHKRASQPTFGFTVHWNFSESTSVF
VGQCFVDRSGKEVLKTKWLQRLAVDDISDDWIATRVGNNDFTRQHTVEE
;
_entity_poly.pdbx_strand_id   A,B,C,D,E,F,G,H
#
# COMPACT_ATOMS: atom_id res chain seq x y z
N ALA A 4 1.68 20.47 -20.65
CA ALA A 4 2.71 20.06 -19.66
C ALA A 4 4.08 19.88 -20.34
N ARG A 5 5.12 20.29 -19.64
CA ARG A 5 6.48 20.14 -20.13
C ARG A 5 6.98 18.73 -19.93
N LYS A 6 7.84 18.28 -20.83
CA LYS A 6 8.61 17.05 -20.60
C LYS A 6 9.42 17.20 -19.32
N CYS A 7 9.54 16.14 -18.56
CA CYS A 7 10.28 16.12 -17.29
C CYS A 7 9.70 17.02 -16.20
N SER A 8 8.44 17.42 -16.32
CA SER A 8 7.67 17.80 -15.12
C SER A 8 7.31 16.50 -14.46
N LEU A 9 7.61 16.36 -13.18
CA LEU A 9 7.40 15.07 -12.53
C LEU A 9 5.91 14.78 -12.29
N THR A 10 5.07 15.81 -12.34
CA THR A 10 3.62 15.63 -12.30
C THR A 10 3.20 14.49 -13.19
N GLY A 11 2.44 13.57 -12.64
CA GLY A 11 1.94 12.42 -13.38
C GLY A 11 2.25 11.07 -12.79
N GLU A 12 2.13 10.01 -13.60
CA GLU A 12 2.17 8.66 -13.15
C GLU A 12 3.36 7.96 -13.78
N TRP A 13 4.10 7.21 -12.96
CA TRP A 13 5.38 6.61 -13.32
C TRP A 13 5.45 5.16 -12.82
N ASP A 14 6.01 4.27 -13.64
CA ASP A 14 6.30 2.90 -13.32
C ASP A 14 7.79 2.79 -13.08
N ASN A 15 8.28 1.88 -12.24
CA ASN A 15 9.70 1.53 -12.27
C ASN A 15 9.99 0.10 -12.52
N ASP A 16 11.28 -0.22 -12.61
CA ASP A 16 11.73 -1.55 -13.01
C ASP A 16 11.55 -2.63 -11.94
N LEU A 17 11.10 -2.29 -10.74
CA LEU A 17 10.71 -3.31 -9.77
C LEU A 17 9.20 -3.49 -9.74
N GLY A 18 8.45 -2.86 -10.62
CA GLY A 18 7.00 -2.91 -10.60
C GLY A 18 6.30 -1.90 -9.71
N SER A 19 7.05 -1.00 -9.08
CA SER A 19 6.46 0.00 -8.29
C SER A 19 5.85 1.11 -9.15
N ILE A 20 4.94 1.88 -8.54
CA ILE A 20 4.25 2.98 -9.19
C ILE A 20 4.30 4.18 -8.28
N MET A 21 4.41 5.37 -8.85
CA MET A 21 4.15 6.59 -8.10
C MET A 21 3.31 7.55 -8.91
N THR A 22 2.54 8.37 -8.23
CA THR A 22 1.75 9.43 -8.84
C THR A 22 2.10 10.72 -8.12
N ILE A 23 2.45 11.73 -8.89
CA ILE A 23 2.94 12.98 -8.34
C ILE A 23 1.99 14.09 -8.78
N GLY A 24 1.71 15.02 -7.87
CA GLY A 24 0.78 16.09 -8.17
C GLY A 24 1.49 17.28 -8.79
N ALA A 25 0.88 18.46 -8.69
CA ALA A 25 1.41 19.64 -9.32
C ALA A 25 2.73 20.03 -8.71
N VAL A 26 3.66 20.51 -9.52
CA VAL A 26 4.96 20.95 -9.05
C VAL A 26 4.85 22.46 -8.88
N ASN A 27 5.17 22.97 -7.71
CA ASN A 27 4.95 24.40 -7.48
C ASN A 27 6.06 25.25 -8.09
N ASP A 28 6.02 26.55 -7.84
CA ASP A 28 6.94 27.45 -8.47
C ASP A 28 8.39 27.22 -8.01
N ASN A 29 8.57 26.68 -6.81
CA ASN A 29 9.90 26.36 -6.28
C ASN A 29 10.37 24.94 -6.64
N GLY A 30 9.61 24.20 -7.44
CA GLY A 30 9.99 22.84 -7.82
C GLY A 30 9.50 21.78 -6.86
N GLU A 31 8.75 22.15 -5.82
CA GLU A 31 8.32 21.19 -4.82
C GLU A 31 7.09 20.43 -5.26
N PHE A 32 7.03 19.17 -4.84
CA PHE A 32 5.90 18.29 -5.20
C PHE A 32 5.69 17.25 -4.12
N ASP A 33 4.48 16.71 -4.12
CA ASP A 33 4.07 15.63 -3.28
C ASP A 33 3.46 14.55 -4.14
N GLY A 34 3.25 13.39 -3.56
CA GLY A 34 2.64 12.32 -4.32
C GLY A 34 2.47 11.10 -3.42
N THR A 35 2.13 9.99 -4.07
CA THR A 35 1.92 8.70 -3.43
C THR A 35 2.72 7.64 -4.15
N TYR A 36 3.42 6.82 -3.37
CA TYR A 36 4.25 5.73 -3.83
C TYR A 36 3.63 4.41 -3.47
N ILE A 37 3.52 3.53 -4.44
CA ILE A 37 3.02 2.20 -4.24
C ILE A 37 4.12 1.23 -4.59
N THR A 38 4.88 0.77 -3.60
CA THR A 38 5.96 -0.16 -3.86
C THR A 38 5.41 -1.55 -4.18
N ALA A 39 6.12 -2.24 -5.07
CA ALA A 39 5.84 -3.66 -5.40
C ALA A 39 6.57 -4.62 -4.50
N VAL A 40 7.55 -4.11 -3.73
CA VAL A 40 8.47 -4.90 -2.95
C VAL A 40 8.72 -4.25 -1.59
N ALA A 41 9.11 -5.04 -0.60
CA ALA A 41 9.35 -4.56 0.76
C ALA A 41 10.04 -5.63 1.58
N ASP A 42 10.55 -5.24 2.74
CA ASP A 42 11.02 -6.21 3.72
C ASP A 42 9.89 -7.16 4.15
N ASN A 43 8.68 -6.64 4.30
CA ASN A 43 7.51 -7.42 4.67
C ASN A 43 6.39 -7.10 3.69
N PRO A 44 6.42 -7.76 2.53
CA PRO A 44 5.53 -7.44 1.42
C PRO A 44 4.04 -7.57 1.72
N GLY A 45 3.66 -8.40 2.68
CA GLY A 45 2.24 -8.49 3.07
C GLY A 45 1.67 -7.27 3.76
N ASN A 46 2.56 -6.40 4.25
CA ASN A 46 2.18 -5.16 4.92
C ASN A 46 2.10 -3.94 3.99
N ILE A 47 2.45 -4.11 2.73
CA ILE A 47 2.53 -2.96 1.83
C ILE A 47 1.20 -2.20 1.75
N THR A 48 1.27 -0.87 1.85
CA THR A 48 0.19 0.01 1.56
C THR A 48 0.79 1.25 0.92
N LEU A 49 -0.04 2.07 0.33
CA LEU A 49 0.40 3.30 -0.28
C LEU A 49 1.08 4.18 0.77
N SER A 50 2.05 5.01 0.32
CA SER A 50 2.86 5.81 1.20
C SER A 50 3.18 7.13 0.57
N PRO A 51 3.22 8.20 1.36
CA PRO A 51 3.43 9.55 0.88
C PRO A 51 4.90 9.85 0.50
N LEU A 52 5.06 10.66 -0.53
CA LEU A 52 6.35 11.19 -0.88
C LEU A 52 6.31 12.71 -0.97
N LEU A 53 7.50 13.32 -0.88
CA LEU A 53 7.66 14.75 -0.96
C LEU A 53 9.03 15.01 -1.54
N GLY A 54 9.14 15.91 -2.53
CA GLY A 54 10.44 16.18 -3.11
C GLY A 54 10.57 17.50 -3.82
N ILE A 55 11.72 17.69 -4.46
CA ILE A 55 11.97 18.92 -5.21
C ILE A 55 12.68 18.59 -6.50
N GLN A 56 12.27 19.23 -7.58
CA GLN A 56 13.01 19.14 -8.86
C GLN A 56 13.50 20.51 -9.26
N HIS A 57 14.53 20.52 -10.09
CA HIS A 57 14.88 21.71 -10.86
C HIS A 57 13.84 21.93 -11.96
N LYS A 58 13.51 23.20 -12.22
CA LYS A 58 12.43 23.50 -13.16
C LYS A 58 12.83 23.92 -14.56
N ARG A 59 13.93 24.64 -14.71
CA ARG A 59 14.28 25.23 -16.01
C ARG A 59 14.99 24.27 -16.93
N ALA A 60 15.80 23.38 -16.37
CA ALA A 60 16.66 22.53 -17.17
C ALA A 60 15.84 21.65 -18.11
N SER A 61 16.33 21.42 -19.33
CA SER A 61 15.64 20.50 -20.25
C SER A 61 15.64 19.07 -19.72
N GLN A 62 16.67 18.70 -18.94
CA GLN A 62 16.83 17.34 -18.36
C GLN A 62 17.18 17.51 -16.88
N PRO A 63 16.17 17.85 -16.04
CA PRO A 63 16.41 18.28 -14.68
C PRO A 63 16.80 17.17 -13.70
N THR A 64 17.59 17.50 -12.70
CA THR A 64 17.76 16.64 -11.54
C THR A 64 16.63 16.87 -10.55
N PHE A 65 16.47 15.90 -9.66
CA PHE A 65 15.41 15.95 -8.65
C PHE A 65 15.71 14.97 -7.54
N GLY A 66 14.97 15.09 -6.45
CA GLY A 66 15.03 14.14 -5.35
C GLY A 66 13.70 14.05 -4.65
N PHE A 67 13.43 12.92 -4.00
CA PHE A 67 12.29 12.82 -3.12
C PHE A 67 12.50 11.84 -2.00
N THR A 68 11.68 12.00 -0.97
CA THR A 68 11.64 11.16 0.23
C THR A 68 10.33 10.41 0.24
N VAL A 69 10.37 9.10 0.53
CA VAL A 69 9.17 8.33 0.81
C VAL A 69 9.13 7.91 2.27
N HIS A 70 8.07 8.29 2.94
CA HIS A 70 7.79 7.91 4.34
C HIS A 70 6.90 6.69 4.30
N TRP A 71 7.48 5.52 4.54
CA TRP A 71 6.72 4.28 4.42
C TRP A 71 5.68 4.23 5.54
N ASN A 72 4.42 4.00 5.16
CA ASN A 72 3.32 4.04 6.15
C ASN A 72 3.09 2.69 6.81
N PHE A 73 3.86 1.68 6.48
CA PHE A 73 3.69 0.32 6.98
C PHE A 73 4.95 -0.26 7.68
N SER A 74 6.00 0.56 7.81
CA SER A 74 7.19 0.17 8.52
C SER A 74 7.80 1.42 9.11
N GLU A 75 8.89 1.22 9.85
CA GLU A 75 9.66 2.36 10.39
C GLU A 75 10.73 2.95 9.47
N SER A 76 10.79 2.43 8.27
CA SER A 76 11.78 2.81 7.25
C SER A 76 11.46 4.13 6.54
N THR A 77 12.50 4.77 5.96
CA THR A 77 12.33 5.85 5.03
C THR A 77 13.26 5.58 3.85
N SER A 78 12.82 5.91 2.66
CA SER A 78 13.69 5.86 1.47
C SER A 78 13.84 7.24 0.84
N VAL A 79 14.98 7.47 0.20
CA VAL A 79 15.17 8.65 -0.64
C VAL A 79 15.68 8.24 -2.00
N PHE A 80 15.21 8.96 -3.01
CA PHE A 80 15.56 8.76 -4.41
C PHE A 80 16.15 10.04 -4.96
N VAL A 81 17.19 9.95 -5.77
CA VAL A 81 17.74 11.13 -6.46
C VAL A 81 18.08 10.76 -7.87
N GLY A 82 17.90 11.67 -8.82
CA GLY A 82 18.15 11.30 -10.17
C GLY A 82 18.00 12.42 -11.15
N GLN A 83 18.03 12.07 -12.44
CA GLN A 83 17.84 12.99 -13.53
C GLN A 83 16.81 12.44 -14.49
N CYS A 84 16.01 13.36 -15.00
CA CYS A 84 15.02 13.08 -16.02
C CYS A 84 15.61 13.39 -17.39
N PHE A 85 15.70 12.38 -18.25
CA PHE A 85 16.19 12.51 -19.60
C PHE A 85 15.05 12.44 -20.61
N VAL A 86 15.24 13.12 -21.72
CA VAL A 86 14.23 13.12 -22.80
C VAL A 86 14.94 12.78 -24.10
N ASP A 87 14.56 11.70 -24.77
CA ASP A 87 15.17 11.38 -26.05
C ASP A 87 14.50 12.19 -27.18
N ARG A 88 15.03 12.05 -28.40
CA ARG A 88 14.54 12.87 -29.51
C ARG A 88 13.09 12.59 -29.87
N SER A 89 12.57 11.42 -29.49
CA SER A 89 11.17 11.05 -29.73
C SER A 89 10.25 11.54 -28.62
N GLY A 90 10.81 12.18 -27.60
CA GLY A 90 10.00 12.65 -26.51
C GLY A 90 9.89 11.68 -25.34
N LYS A 91 10.58 10.54 -25.40
CA LYS A 91 10.45 9.58 -24.30
C LYS A 91 11.26 10.01 -23.09
N GLU A 92 10.58 10.11 -21.96
CA GLU A 92 11.16 10.47 -20.65
C GLU A 92 11.63 9.23 -19.88
N VAL A 93 12.81 9.31 -19.32
CA VAL A 93 13.28 8.28 -18.39
C VAL A 93 13.86 8.96 -17.15
N LEU A 94 13.43 8.55 -15.95
CA LEU A 94 14.02 8.95 -14.69
C LEU A 94 15.10 7.96 -14.31
N LYS A 95 16.34 8.36 -14.36
CA LYS A 95 17.44 7.51 -13.91
C LYS A 95 17.74 7.85 -12.48
N THR A 96 17.43 6.93 -11.55
CA THR A 96 17.56 7.21 -10.13
C THR A 96 18.47 6.22 -9.39
N LYS A 97 19.00 6.71 -8.28
CA LYS A 97 19.62 5.90 -7.26
C LYS A 97 18.92 6.20 -5.96
N TRP A 98 18.91 5.23 -5.06
CA TRP A 98 18.18 5.34 -3.81
C TRP A 98 18.96 4.80 -2.66
N LEU A 99 18.55 5.29 -1.48
CA LEU A 99 19.00 4.76 -0.19
C LEU A 99 17.72 4.44 0.63
N GLN A 100 17.70 3.26 1.24
CA GLN A 100 16.62 2.87 2.13
C GLN A 100 17.22 2.73 3.51
N ARG A 101 16.70 3.53 4.45
CA ARG A 101 17.07 3.47 5.84
C ARG A 101 16.17 2.57 6.67
N LEU A 102 16.76 1.60 7.33
CA LEU A 102 16.05 0.77 8.30
C LEU A 102 16.24 1.36 9.71
N ALA A 103 15.25 1.17 10.58
CA ALA A 103 15.34 1.59 11.96
C ALA A 103 16.06 0.54 12.79
N VAL A 104 17.09 0.96 13.53
CA VAL A 104 17.76 0.08 14.49
C VAL A 104 17.59 0.66 15.87
N ASP A 105 17.73 -0.16 16.92
CA ASP A 105 17.41 0.37 18.24
C ASP A 105 18.57 1.05 18.98
N ASP A 106 19.79 0.81 18.53
CA ASP A 106 20.99 1.31 19.20
C ASP A 106 21.91 1.91 18.14
N ILE A 107 22.44 3.07 18.47
CA ILE A 107 23.36 3.78 17.62
C ILE A 107 24.52 2.90 17.20
N SER A 108 24.89 1.92 18.02
CA SER A 108 26.02 1.06 17.69
C SER A 108 25.75 0.11 16.51
N ASP A 109 24.48 -0.05 16.16
CA ASP A 109 24.10 -0.85 15.01
C ASP A 109 23.90 -0.02 13.75
N ASP A 110 24.23 1.28 13.80
CA ASP A 110 23.95 2.17 12.64
C ASP A 110 24.56 1.62 11.33
N TRP A 111 25.74 1.01 11.39
CA TRP A 111 26.47 0.54 10.20
C TRP A 111 25.62 -0.35 9.33
N ILE A 112 24.64 -1.05 9.89
CA ILE A 112 23.90 -2.08 9.14
C ILE A 112 22.66 -1.53 8.40
N ALA A 113 22.31 -0.26 8.67
CA ALA A 113 20.96 0.26 8.44
C ALA A 113 20.66 0.85 7.10
N THR A 114 21.62 0.98 6.19
CA THR A 114 21.35 1.66 4.92
C THR A 114 21.60 0.81 3.69
N ARG A 115 20.53 0.46 2.99
CA ARG A 115 20.62 -0.19 1.71
C ARG A 115 20.73 0.82 0.59
N VAL A 116 21.39 0.44 -0.50
CA VAL A 116 21.59 1.28 -1.69
C VAL A 116 21.09 0.53 -2.93
N GLY A 117 20.53 1.23 -3.89
CA GLY A 117 20.20 0.63 -5.18
C GLY A 117 19.81 1.68 -6.21
N ASN A 118 19.17 1.22 -7.25
CA ASN A 118 18.85 2.02 -8.42
C ASN A 118 17.45 1.72 -8.89
N ASN A 119 16.89 2.64 -9.66
CA ASN A 119 15.62 2.40 -10.33
C ASN A 119 15.52 3.30 -11.52
N ASP A 120 15.00 2.78 -12.60
CA ASP A 120 14.62 3.59 -13.76
C ASP A 120 13.09 3.70 -13.81
N PHE A 121 12.57 4.90 -13.99
CA PHE A 121 11.13 5.13 -14.08
C PHE A 121 10.78 5.61 -15.48
N THR A 122 9.62 5.19 -15.95
CA THR A 122 9.03 5.68 -17.21
C THR A 122 7.60 6.09 -16.94
N ARG A 123 7.05 6.93 -17.81
CA ARG A 123 5.72 7.49 -17.60
C ARG A 123 4.75 6.39 -17.95
N GLN A 124 3.68 6.26 -17.17
CA GLN A 124 2.69 5.25 -17.48
C GLN A 124 2.03 5.58 -18.80
N HIS A 125 1.69 4.54 -19.54
CA HIS A 125 1.16 4.74 -20.88
C HIS A 125 -0.25 5.30 -20.79
N THR A 126 -0.55 6.15 -21.76
CA THR A 126 -1.86 6.80 -21.94
C THR A 126 -2.03 7.96 -20.98
N ARG B 5 31.37 -25.38 -14.34
CA ARG B 5 30.20 -25.11 -13.44
C ARG B 5 29.60 -23.74 -13.70
N LYS B 6 28.27 -23.66 -13.64
CA LYS B 6 27.60 -22.37 -13.76
C LYS B 6 27.99 -21.50 -12.56
N CYS B 7 28.15 -20.21 -12.84
CA CYS B 7 28.59 -19.22 -11.86
C CYS B 7 30.01 -19.42 -11.34
N SER B 8 30.83 -20.15 -12.09
CA SER B 8 32.26 -19.96 -11.95
C SER B 8 32.55 -18.73 -12.79
N LEU B 9 33.20 -17.74 -12.21
CA LEU B 9 33.35 -16.46 -12.90
C LEU B 9 34.32 -16.52 -14.08
N THR B 10 35.17 -17.54 -14.11
CA THR B 10 36.14 -17.72 -15.18
C THR B 10 35.46 -17.58 -16.52
N GLY B 11 36.05 -16.76 -17.40
CA GLY B 11 35.53 -16.53 -18.73
C GLY B 11 35.41 -15.06 -19.10
N GLU B 12 34.61 -14.80 -20.11
CA GLU B 12 34.45 -13.47 -20.69
C GLU B 12 33.04 -12.96 -20.48
N TRP B 13 32.94 -11.74 -19.96
CA TRP B 13 31.65 -11.09 -19.72
C TRP B 13 31.60 -9.70 -20.29
N ASP B 14 30.41 -9.22 -20.57
CA ASP B 14 30.24 -7.80 -20.82
C ASP B 14 29.08 -7.25 -20.05
N ASN B 15 29.04 -5.92 -19.93
CA ASN B 15 27.99 -5.28 -19.17
C ASN B 15 27.16 -4.34 -20.00
N ASP B 16 26.16 -3.76 -19.35
CA ASP B 16 25.18 -2.89 -19.96
C ASP B 16 25.77 -1.60 -20.57
N LEU B 17 26.97 -1.21 -20.14
CA LEU B 17 27.67 -0.05 -20.72
C LEU B 17 28.54 -0.43 -21.92
N GLY B 18 28.73 -1.73 -22.15
CA GLY B 18 29.66 -2.16 -23.21
C GLY B 18 31.04 -2.54 -22.72
N SER B 19 31.30 -2.43 -21.42
CA SER B 19 32.57 -2.84 -20.87
C SER B 19 32.75 -4.35 -20.98
N ILE B 20 33.98 -4.78 -21.13
CA ILE B 20 34.30 -6.19 -21.28
C ILE B 20 35.25 -6.64 -20.20
N MET B 21 34.95 -7.75 -19.53
CA MET B 21 35.74 -8.27 -18.44
C MET B 21 36.13 -9.72 -18.75
N THR B 22 37.39 -10.09 -18.50
CA THR B 22 37.84 -11.50 -18.59
C THR B 22 38.34 -11.90 -17.22
N ILE B 23 37.91 -13.05 -16.73
CA ILE B 23 38.32 -13.57 -15.46
C ILE B 23 39.05 -14.90 -15.67
N GLY B 24 40.16 -15.06 -14.94
CA GLY B 24 41.02 -16.23 -15.06
C GLY B 24 40.48 -17.39 -14.24
N ALA B 25 41.36 -18.35 -13.95
CA ALA B 25 40.95 -19.50 -13.15
C ALA B 25 40.68 -19.07 -11.74
N VAL B 26 39.68 -19.69 -11.12
CA VAL B 26 39.31 -19.40 -9.76
C VAL B 26 39.93 -20.49 -8.91
N ASN B 27 40.73 -20.10 -7.94
CA ASN B 27 41.45 -21.10 -7.16
C ASN B 27 40.57 -21.73 -6.06
N ASP B 28 41.16 -22.59 -5.25
CA ASP B 28 40.35 -23.34 -4.29
C ASP B 28 39.70 -22.48 -3.23
N ASN B 29 40.27 -21.30 -2.99
CA ASN B 29 39.72 -20.37 -2.00
C ASN B 29 38.76 -19.35 -2.63
N GLY B 30 38.55 -19.44 -3.95
CA GLY B 30 37.65 -18.53 -4.67
C GLY B 30 38.34 -17.29 -5.25
N GLU B 31 39.66 -17.22 -5.13
CA GLU B 31 40.41 -16.05 -5.63
C GLU B 31 40.61 -16.09 -7.12
N PHE B 32 40.56 -14.94 -7.76
CA PHE B 32 40.77 -14.86 -9.21
C PHE B 32 41.38 -13.52 -9.59
N ASP B 33 42.05 -13.51 -10.75
CA ASP B 33 42.45 -12.28 -11.38
C ASP B 33 41.77 -12.14 -12.71
N GLY B 34 42.00 -11.03 -13.40
CA GLY B 34 41.33 -10.78 -14.65
C GLY B 34 41.73 -9.46 -15.25
N THR B 35 41.07 -9.10 -16.34
CA THR B 35 41.30 -7.84 -17.02
C THR B 35 39.96 -7.18 -17.29
N TYR B 36 39.97 -5.86 -17.42
CA TYR B 36 38.76 -5.09 -17.62
C TYR B 36 39.03 -4.00 -18.65
N ILE B 37 38.18 -3.92 -19.65
CA ILE B 37 38.21 -2.84 -20.63
C ILE B 37 36.92 -2.11 -20.42
N THR B 38 37.01 -0.94 -19.79
CA THR B 38 35.85 -0.11 -19.66
C THR B 38 35.47 0.58 -20.95
N ALA B 39 34.18 0.71 -21.17
CA ALA B 39 33.67 1.44 -22.32
C ALA B 39 33.64 2.98 -22.05
N VAL B 40 33.72 3.36 -20.77
CA VAL B 40 33.56 4.78 -20.32
C VAL B 40 34.59 5.12 -19.28
N ALA B 41 34.92 6.42 -19.17
CA ALA B 41 35.87 6.89 -18.17
C ALA B 41 35.75 8.41 -18.05
N ASP B 42 36.39 8.96 -17.03
CA ASP B 42 36.55 10.42 -16.94
C ASP B 42 37.26 10.94 -18.20
N ASN B 43 38.27 10.23 -18.66
CA ASN B 43 38.99 10.58 -19.87
C ASN B 43 39.08 9.37 -20.81
N PRO B 44 38.02 9.21 -21.62
CA PRO B 44 37.91 8.00 -22.42
C PRO B 44 38.99 7.80 -23.48
N GLY B 45 39.63 8.88 -23.92
CA GLY B 45 40.76 8.74 -24.85
C GLY B 45 41.97 8.02 -24.27
N ASN B 46 42.01 7.94 -22.94
CA ASN B 46 43.11 7.33 -22.23
C ASN B 46 42.89 5.84 -21.79
N ILE B 47 41.70 5.31 -22.03
CA ILE B 47 41.36 3.97 -21.56
C ILE B 47 42.33 2.93 -22.11
N THR B 48 42.81 2.09 -21.20
CA THR B 48 43.60 0.91 -21.52
C THR B 48 43.08 -0.26 -20.72
N LEU B 49 43.34 -1.47 -21.21
CA LEU B 49 43.10 -2.70 -20.46
C LEU B 49 43.74 -2.64 -19.07
N SER B 50 42.94 -2.92 -18.03
CA SER B 50 43.37 -2.81 -16.66
C SER B 50 43.13 -4.09 -15.85
N PRO B 51 43.99 -4.37 -14.86
CA PRO B 51 43.92 -5.58 -14.06
C PRO B 51 42.89 -5.50 -12.93
N LEU B 52 42.36 -6.67 -12.60
CA LEU B 52 41.44 -6.83 -11.49
C LEU B 52 41.83 -8.03 -10.64
N LEU B 53 41.36 -8.02 -9.40
CA LEU B 53 41.60 -9.08 -8.45
C LEU B 53 40.38 -9.19 -7.57
N GLY B 54 39.90 -10.42 -7.34
CA GLY B 54 38.78 -10.57 -6.43
C GLY B 54 38.62 -11.96 -5.89
N ILE B 55 37.48 -12.15 -5.22
CA ILE B 55 37.16 -13.41 -4.57
C ILE B 55 35.67 -13.70 -4.73
N GLN B 56 35.35 -14.95 -5.10
CA GLN B 56 33.96 -15.44 -5.08
C GLN B 56 33.77 -16.56 -4.06
N HIS B 57 32.54 -16.72 -3.58
CA HIS B 57 32.19 -17.95 -2.87
C HIS B 57 32.14 -19.11 -3.90
N LYS B 58 32.52 -20.29 -3.45
CA LYS B 58 32.68 -21.48 -4.35
C LYS B 58 31.52 -22.46 -4.32
N ARG B 59 31.04 -22.80 -3.14
CA ARG B 59 29.99 -23.83 -3.00
C ARG B 59 28.67 -23.46 -3.66
N ALA B 60 28.15 -22.28 -3.34
CA ALA B 60 26.85 -21.86 -3.82
C ALA B 60 26.73 -21.96 -5.33
N SER B 61 25.55 -22.37 -5.80
CA SER B 61 25.25 -22.32 -7.22
C SER B 61 25.05 -20.87 -7.69
N GLN B 62 24.66 -19.99 -6.76
CA GLN B 62 24.49 -18.53 -7.01
C GLN B 62 25.32 -17.71 -5.99
N PRO B 63 26.65 -17.72 -6.16
CA PRO B 63 27.55 -17.16 -5.19
C PRO B 63 27.64 -15.62 -5.24
N THR B 64 27.90 -15.05 -4.08
CA THR B 64 28.33 -13.63 -4.05
C THR B 64 29.82 -13.56 -4.34
N PHE B 65 30.27 -12.36 -4.69
CA PHE B 65 31.64 -12.15 -5.09
C PHE B 65 31.96 -10.67 -5.06
N GLY B 66 33.26 -10.36 -5.14
CA GLY B 66 33.74 -8.96 -5.22
C GLY B 66 35.01 -8.91 -5.99
N PHE B 67 35.31 -7.74 -6.57
CA PHE B 67 36.63 -7.53 -7.17
C PHE B 67 36.96 -6.05 -7.21
N THR B 68 38.26 -5.81 -7.28
CA THR B 68 38.85 -4.48 -7.39
C THR B 68 39.50 -4.34 -8.79
N VAL B 69 39.23 -3.23 -9.46
CA VAL B 69 39.94 -2.88 -10.69
C VAL B 69 40.88 -1.71 -10.36
N HIS B 70 42.14 -1.94 -10.65
CA HIS B 70 43.19 -0.91 -10.61
C HIS B 70 43.32 -0.32 -12.00
N TRP B 71 42.74 0.84 -12.21
CA TRP B 71 42.78 1.47 -13.54
C TRP B 71 44.24 1.87 -13.87
N ASN B 72 44.71 1.44 -15.02
CA ASN B 72 46.15 1.64 -15.38
C ASN B 72 46.39 2.99 -16.01
N PHE B 73 45.34 3.77 -16.23
CA PHE B 73 45.40 5.02 -16.99
C PHE B 73 44.86 6.23 -16.20
N SER B 74 44.57 6.02 -14.93
CA SER B 74 44.14 7.10 -14.02
C SER B 74 44.52 6.74 -12.59
N GLU B 75 44.31 7.68 -11.68
CA GLU B 75 44.63 7.50 -10.28
C GLU B 75 43.50 6.79 -9.51
N SER B 76 42.42 6.49 -10.21
CA SER B 76 41.17 5.97 -9.64
C SER B 76 41.25 4.46 -9.44
N THR B 77 40.37 3.98 -8.55
CA THR B 77 40.20 2.54 -8.31
C THR B 77 38.69 2.33 -8.19
N SER B 78 38.22 1.22 -8.73
CA SER B 78 36.80 0.83 -8.59
C SER B 78 36.72 -0.54 -7.90
N VAL B 79 35.62 -0.74 -7.19
CA VAL B 79 35.28 -2.05 -6.62
C VAL B 79 33.85 -2.38 -7.02
N PHE B 80 33.63 -3.68 -7.27
CA PHE B 80 32.36 -4.21 -7.67
C PHE B 80 32.00 -5.33 -6.70
N VAL B 81 30.73 -5.39 -6.31
CA VAL B 81 30.26 -6.52 -5.46
C VAL B 81 28.93 -6.97 -5.96
N GLY B 82 28.66 -8.27 -5.91
CA GLY B 82 27.40 -8.73 -6.43
C GLY B 82 27.19 -10.23 -6.25
N GLN B 83 26.25 -10.74 -7.01
CA GLN B 83 25.86 -12.14 -6.94
C GLN B 83 25.66 -12.60 -8.36
N CYS B 84 26.08 -13.84 -8.59
CA CYS B 84 25.82 -14.52 -9.85
C CYS B 84 24.59 -15.39 -9.72
N PHE B 85 23.64 -15.15 -10.63
CA PHE B 85 22.36 -15.88 -10.63
C PHE B 85 22.33 -16.73 -11.86
N VAL B 86 21.64 -17.88 -11.77
CA VAL B 86 21.45 -18.75 -12.93
C VAL B 86 19.98 -19.13 -12.96
N ASP B 87 19.35 -18.86 -14.09
CA ASP B 87 17.94 -19.16 -14.22
C ASP B 87 17.78 -20.63 -14.62
N ARG B 88 16.54 -21.08 -14.65
CA ARG B 88 16.33 -22.53 -14.86
C ARG B 88 16.75 -22.98 -16.27
N SER B 89 16.88 -22.05 -17.19
CA SER B 89 17.41 -22.34 -18.52
C SER B 89 18.94 -22.43 -18.59
N GLY B 90 19.62 -22.06 -17.49
CA GLY B 90 21.09 -22.13 -17.44
C GLY B 90 21.80 -20.79 -17.71
N LYS B 91 21.04 -19.73 -17.95
CA LYS B 91 21.60 -18.41 -18.23
C LYS B 91 22.10 -17.71 -16.96
N GLU B 92 23.33 -17.22 -17.03
CA GLU B 92 24.02 -16.58 -15.91
C GLU B 92 23.93 -15.07 -16.03
N VAL B 93 23.66 -14.41 -14.91
CA VAL B 93 23.75 -12.95 -14.89
C VAL B 93 24.48 -12.55 -13.60
N LEU B 94 25.43 -11.62 -13.72
CA LEU B 94 26.08 -11.03 -12.54
C LEU B 94 25.36 -9.70 -12.25
N LYS B 95 24.68 -9.63 -11.11
CA LYS B 95 24.07 -8.40 -10.65
C LYS B 95 25.09 -7.75 -9.74
N THR B 96 25.58 -6.56 -10.13
CA THR B 96 26.62 -5.88 -9.33
C THR B 96 26.22 -4.43 -9.00
N LYS B 97 26.83 -3.95 -7.91
CA LYS B 97 26.88 -2.53 -7.54
C LYS B 97 28.36 -2.22 -7.39
N TRP B 98 28.74 -0.96 -7.65
CA TRP B 98 30.13 -0.57 -7.64
C TRP B 98 30.31 0.78 -6.95
N LEU B 99 31.52 0.97 -6.48
CA LEU B 99 32.02 2.29 -6.01
C LEU B 99 33.24 2.61 -6.84
N GLN B 100 33.34 3.87 -7.28
CA GLN B 100 34.57 4.34 -7.94
C GLN B 100 35.17 5.44 -7.06
N ARG B 101 36.42 5.24 -6.65
CA ARG B 101 37.13 6.25 -5.89
C ARG B 101 38.00 7.10 -6.79
N LEU B 102 37.82 8.39 -6.66
CA LEU B 102 38.70 9.38 -7.28
C LEU B 102 39.75 9.83 -6.27
N ALA B 103 40.93 10.21 -6.77
CA ALA B 103 42.00 10.73 -5.91
C ALA B 103 41.76 12.25 -5.65
N VAL B 104 41.84 12.69 -4.40
CA VAL B 104 41.79 14.11 -4.14
C VAL B 104 43.07 14.49 -3.41
N ASP B 105 43.37 15.78 -3.42
CA ASP B 105 44.65 16.28 -2.93
C ASP B 105 44.72 16.33 -1.42
N ASP B 106 43.59 16.56 -0.78
CA ASP B 106 43.58 16.71 0.65
C ASP B 106 42.45 15.96 1.30
N ILE B 107 42.71 15.46 2.49
CA ILE B 107 41.72 14.72 3.27
C ILE B 107 40.45 15.55 3.47
N SER B 108 40.54 16.88 3.51
CA SER B 108 39.35 17.73 3.65
C SER B 108 38.37 17.65 2.45
N ASP B 109 38.84 17.14 1.30
CA ASP B 109 38.01 17.01 0.12
C ASP B 109 37.47 15.57 -0.03
N ASP B 110 37.70 14.73 0.98
CA ASP B 110 37.26 13.31 0.89
C ASP B 110 35.79 13.12 0.53
N TRP B 111 34.92 14.03 0.98
CA TRP B 111 33.45 13.87 0.74
C TRP B 111 33.09 13.75 -0.73
N ILE B 112 33.89 14.28 -1.63
CA ILE B 112 33.52 14.43 -3.04
C ILE B 112 33.89 13.19 -3.84
N ALA B 113 34.65 12.31 -3.23
CA ALA B 113 35.54 11.39 -4.00
C ALA B 113 34.98 10.03 -4.40
N THR B 114 33.76 9.69 -3.98
CA THR B 114 33.25 8.33 -4.24
C THR B 114 31.93 8.33 -5.02
N ARG B 115 31.95 7.75 -6.24
CA ARG B 115 30.76 7.59 -7.05
C ARG B 115 30.19 6.20 -6.76
N VAL B 116 28.90 6.04 -6.93
CA VAL B 116 28.22 4.75 -6.78
C VAL B 116 27.38 4.47 -8.02
N GLY B 117 27.25 3.18 -8.34
CA GLY B 117 26.44 2.77 -9.49
C GLY B 117 26.20 1.26 -9.51
N ASN B 118 25.71 0.82 -10.64
CA ASN B 118 25.35 -0.59 -10.84
C ASN B 118 25.69 -1.04 -12.24
N ASN B 119 25.87 -2.35 -12.39
CA ASN B 119 26.03 -2.96 -13.68
C ASN B 119 25.55 -4.41 -13.64
N ASP B 120 24.96 -4.84 -14.73
CA ASP B 120 24.63 -6.27 -14.93
C ASP B 120 25.58 -6.81 -16.03
N PHE B 121 26.16 -7.97 -15.74
CA PHE B 121 27.04 -8.64 -16.67
C PHE B 121 26.39 -9.96 -17.16
N THR B 122 26.61 -10.25 -18.43
CA THR B 122 26.27 -11.58 -19.00
C THR B 122 27.46 -12.08 -19.80
N ARG B 123 27.52 -13.39 -20.07
CA ARG B 123 28.64 -13.96 -20.81
C ARG B 123 28.74 -13.40 -22.21
N GLN B 124 29.98 -13.20 -22.64
CA GLN B 124 30.23 -12.58 -23.94
C GLN B 124 29.93 -13.57 -25.06
N ALA C 4 9.73 20.74 23.88
CA ALA C 4 10.08 20.05 22.59
C ALA C 4 10.56 18.62 22.82
N ARG C 5 9.93 17.67 22.13
CA ARG C 5 10.29 16.26 22.23
C ARG C 5 11.64 16.01 21.57
N LYS C 6 12.43 15.08 22.11
CA LYS C 6 13.70 14.75 21.48
C LYS C 6 13.45 14.10 20.13
N CYS C 7 14.32 14.40 19.20
CA CYS C 7 14.25 13.91 17.82
C CYS C 7 13.08 14.46 17.01
N SER C 8 12.53 15.60 17.40
CA SER C 8 11.83 16.45 16.46
C SER C 8 12.92 17.19 15.70
N LEU C 9 12.88 17.17 14.37
CA LEU C 9 13.96 17.78 13.61
C LEU C 9 13.99 19.31 13.60
N THR C 10 12.87 19.94 13.95
CA THR C 10 12.79 21.41 14.08
C THR C 10 13.99 21.91 14.83
N GLY C 11 14.63 22.96 14.31
CA GLY C 11 15.78 23.53 14.97
C GLY C 11 16.95 23.69 14.02
N GLU C 12 18.11 23.93 14.62
CA GLU C 12 19.35 24.19 13.91
C GLU C 12 20.36 23.08 14.22
N TRP C 13 21.00 22.57 13.17
CA TRP C 13 21.91 21.45 13.25
C TRP C 13 23.17 21.76 12.48
N ASP C 14 24.27 21.15 12.87
CA ASP C 14 25.45 21.18 12.00
C ASP C 14 26.09 19.81 11.87
N ASN C 15 26.90 19.65 10.84
CA ASN C 15 27.51 18.37 10.59
C ASN C 15 29.02 18.42 10.64
N ASP C 16 29.60 17.25 10.45
CA ASP C 16 31.03 17.05 10.56
C ASP C 16 31.89 17.81 9.53
N LEU C 17 31.29 18.26 8.42
CA LEU C 17 31.98 19.09 7.41
C LEU C 17 31.86 20.59 7.72
N GLY C 18 31.02 20.92 8.70
CA GLY C 18 30.70 22.29 9.09
C GLY C 18 29.45 22.85 8.44
N SER C 19 28.70 22.04 7.70
CA SER C 19 27.46 22.50 7.10
C SER C 19 26.41 22.73 8.18
N ILE C 20 25.51 23.63 7.89
CA ILE C 20 24.47 24.06 8.82
C ILE C 20 23.13 23.88 8.18
N MET C 21 22.15 23.33 8.89
CA MET C 21 20.81 23.36 8.36
C MET C 21 19.83 23.78 9.43
N THR C 22 18.79 24.49 8.99
CA THR C 22 17.74 24.94 9.89
C THR C 22 16.45 24.35 9.39
N ILE C 23 15.77 23.62 10.26
CA ILE C 23 14.52 22.95 9.92
C ILE C 23 13.36 23.63 10.67
N GLY C 24 12.27 23.86 9.98
CA GLY C 24 11.10 24.51 10.55
C GLY C 24 10.17 23.56 11.28
N ALA C 25 8.92 23.97 11.44
CA ALA C 25 7.95 23.11 12.15
C ALA C 25 7.70 21.81 11.37
N VAL C 26 7.61 20.71 12.12
CA VAL C 26 7.24 19.43 11.56
C VAL C 26 5.74 19.28 11.72
N ASN C 27 5.05 19.05 10.62
CA ASN C 27 3.59 18.98 10.68
C ASN C 27 3.07 17.61 11.15
N ASP C 28 1.74 17.49 11.19
CA ASP C 28 1.09 16.27 11.65
C ASP C 28 1.49 15.01 10.86
N ASN C 29 1.86 15.20 9.60
CA ASN C 29 2.32 14.09 8.72
C ASN C 29 3.84 13.92 8.68
N GLY C 30 4.55 14.64 9.56
CA GLY C 30 6.00 14.52 9.68
C GLY C 30 6.76 15.33 8.64
N GLU C 31 6.06 16.18 7.87
CA GLU C 31 6.69 16.94 6.80
C GLU C 31 7.36 18.20 7.34
N PHE C 32 8.48 18.57 6.74
CA PHE C 32 9.22 19.76 7.11
C PHE C 32 9.98 20.35 5.95
N ASP C 33 10.27 21.64 6.11
CA ASP C 33 11.13 22.34 5.18
C ASP C 33 12.24 23.03 5.94
N GLY C 34 13.10 23.71 5.22
CA GLY C 34 14.22 24.35 5.85
C GLY C 34 15.22 24.88 4.85
N THR C 35 16.34 25.33 5.39
CA THR C 35 17.44 25.86 4.64
C THR C 35 18.72 25.08 4.97
N TYR C 36 19.45 24.71 3.92
CA TYR C 36 20.73 24.02 4.06
C TYR C 36 21.83 24.95 3.58
N ILE C 37 22.87 25.06 4.37
CA ILE C 37 24.04 25.86 4.07
C ILE C 37 25.22 24.89 4.04
N THR C 38 25.62 24.51 2.84
CA THR C 38 26.72 23.57 2.74
C THR C 38 28.05 24.25 2.98
N ALA C 39 28.94 23.56 3.69
CA ALA C 39 30.28 24.06 3.94
C ALA C 39 31.26 23.71 2.79
N VAL C 40 30.83 22.83 1.89
CA VAL C 40 31.64 22.37 0.79
C VAL C 40 30.83 22.29 -0.50
N ALA C 41 31.50 22.34 -1.63
CA ALA C 41 30.86 22.27 -2.94
C ALA C 41 31.89 22.01 -4.01
N ASP C 42 31.48 21.72 -5.23
CA ASP C 42 32.45 21.65 -6.34
C ASP C 42 33.18 23.00 -6.48
N ASN C 43 32.41 24.08 -6.29
CA ASN C 43 32.96 25.43 -6.33
C ASN C 43 32.45 26.23 -5.11
N PRO C 44 33.24 26.25 -4.02
CA PRO C 44 32.71 26.87 -2.81
C PRO C 44 32.50 28.38 -2.92
N GLY C 45 33.18 29.01 -3.88
CA GLY C 45 32.93 30.42 -4.17
C GLY C 45 31.56 30.69 -4.76
N ASN C 46 30.81 29.64 -5.14
CA ASN C 46 29.45 29.77 -5.64
C ASN C 46 28.35 29.42 -4.60
N ILE C 47 28.72 28.98 -3.40
CA ILE C 47 27.72 28.50 -2.44
C ILE C 47 26.74 29.62 -2.08
N THR C 48 25.46 29.26 -2.07
CA THR C 48 24.39 30.13 -1.64
C THR C 48 23.47 29.29 -0.77
N LEU C 49 22.58 29.94 -0.05
CA LEU C 49 21.59 29.27 0.76
C LEU C 49 20.66 28.46 -0.14
N SER C 50 20.32 27.24 0.28
CA SER C 50 19.50 26.35 -0.52
C SER C 50 18.37 25.68 0.29
N PRO C 51 17.21 25.48 -0.33
CA PRO C 51 16.06 24.92 0.37
C PRO C 51 16.08 23.40 0.46
N LEU C 52 15.46 22.90 1.53
CA LEU C 52 15.29 21.46 1.71
C LEU C 52 13.83 21.17 2.02
N LEU C 53 13.44 19.92 1.78
CA LEU C 53 12.09 19.48 2.04
C LEU C 53 12.18 17.99 2.38
N GLY C 54 11.50 17.56 3.44
CA GLY C 54 11.63 16.17 3.88
C GLY C 54 10.48 15.69 4.74
N ILE C 55 10.61 14.44 5.20
CA ILE C 55 9.60 13.84 6.04
C ILE C 55 10.31 13.01 7.11
N GLN C 56 9.83 13.07 8.35
CA GLN C 56 10.32 12.18 9.40
C GLN C 56 9.15 11.34 9.94
N HIS C 57 9.48 10.18 10.49
CA HIS C 57 8.48 9.46 11.32
C HIS C 57 8.31 10.23 12.62
N LYS C 58 7.12 10.17 13.21
CA LYS C 58 6.80 11.03 14.37
C LYS C 58 6.70 10.28 15.68
N ARG C 59 6.15 9.08 15.64
CA ARG C 59 5.87 8.34 16.87
C ARG C 59 7.10 7.74 17.53
N ALA C 60 7.99 7.17 16.72
CA ALA C 60 9.18 6.50 17.22
C ALA C 60 10.03 7.45 18.03
N SER C 61 10.63 6.94 19.10
CA SER C 61 11.53 7.74 19.94
C SER C 61 12.83 8.10 19.21
N GLN C 62 13.23 7.22 18.28
CA GLN C 62 14.49 7.36 17.49
C GLN C 62 14.09 7.18 16.02
N PRO C 63 13.42 8.20 15.47
CA PRO C 63 12.81 8.04 14.15
C PRO C 63 13.79 8.07 12.98
N THR C 64 13.39 7.41 11.90
CA THR C 64 14.07 7.62 10.61
C THR C 64 13.44 8.81 9.88
N PHE C 65 14.19 9.34 8.93
CA PHE C 65 13.74 10.51 8.17
C PHE C 65 14.56 10.63 6.89
N GLY C 66 14.09 11.46 6.00
CA GLY C 66 14.85 11.81 4.79
C GLY C 66 14.51 13.23 4.36
N PHE C 67 15.42 13.82 3.58
CA PHE C 67 15.14 15.10 2.93
C PHE C 67 15.94 15.27 1.63
N THR C 68 15.42 16.17 0.83
CA THR C 68 16.00 16.56 -0.44
C THR C 68 16.49 18.01 -0.31
N VAL C 69 17.67 18.29 -0.88
CA VAL C 69 18.18 19.68 -0.99
C VAL C 69 18.27 20.02 -2.46
N HIS C 70 17.55 21.06 -2.87
CA HIS C 70 17.66 21.62 -4.22
C HIS C 70 18.73 22.72 -4.15
N TRP C 71 19.90 22.44 -4.71
CA TRP C 71 20.98 23.43 -4.64
C TRP C 71 20.59 24.59 -5.55
N ASN C 72 20.69 25.80 -5.01
CA ASN C 72 20.25 26.99 -5.72
C ASN C 72 21.41 27.58 -6.53
N PHE C 73 22.60 26.97 -6.50
CA PHE C 73 23.78 27.51 -7.16
C PHE C 73 24.44 26.54 -8.12
N SER C 74 23.76 25.41 -8.37
CA SER C 74 24.18 24.45 -9.36
C SER C 74 22.94 23.64 -9.82
N GLU C 75 23.13 22.79 -10.81
CA GLU C 75 22.03 21.95 -11.31
C GLU C 75 21.87 20.66 -10.51
N SER C 76 22.61 20.54 -9.42
CA SER C 76 22.70 19.31 -8.63
C SER C 76 21.52 19.24 -7.66
N THR C 77 21.23 18.02 -7.20
CA THR C 77 20.31 17.81 -6.09
C THR C 77 20.96 16.78 -5.16
N SER C 78 20.76 16.92 -3.85
CA SER C 78 21.21 15.93 -2.88
C SER C 78 20.03 15.41 -2.08
N VAL C 79 20.15 14.14 -1.66
CA VAL C 79 19.19 13.57 -0.74
C VAL C 79 19.97 12.99 0.46
N PHE C 80 19.34 13.10 1.63
CA PHE C 80 19.90 12.58 2.88
C PHE C 80 18.85 11.66 3.54
N VAL C 81 19.30 10.56 4.11
CA VAL C 81 18.41 9.65 4.84
C VAL C 81 19.11 9.18 6.07
N GLY C 82 18.37 9.01 7.15
CA GLY C 82 19.00 8.63 8.39
C GLY C 82 18.07 8.34 9.53
N GLN C 83 18.67 8.25 10.70
CA GLN C 83 17.95 8.03 11.95
C GLN C 83 18.47 9.00 13.01
N CYS C 84 17.53 9.49 13.81
CA CYS C 84 17.84 10.33 14.96
C CYS C 84 17.90 9.44 16.18
N PHE C 85 19.04 9.46 16.87
CA PHE C 85 19.27 8.71 18.10
C PHE C 85 19.41 9.67 19.28
N VAL C 86 18.97 9.21 20.45
CA VAL C 86 19.10 9.98 21.70
C VAL C 86 19.81 9.11 22.73
N ASP C 87 20.90 9.62 23.30
CA ASP C 87 21.65 8.86 24.29
C ASP C 87 21.07 9.06 25.70
N ARG C 88 21.68 8.40 26.70
CA ARG C 88 21.15 8.46 28.07
C ARG C 88 21.11 9.89 28.61
N SER C 89 22.05 10.73 28.18
CA SER C 89 22.09 12.12 28.61
C SER C 89 21.17 13.05 27.85
N GLY C 90 20.40 12.54 26.88
CA GLY C 90 19.50 13.39 26.11
C GLY C 90 20.11 13.99 24.83
N LYS C 91 21.35 13.64 24.51
CA LYS C 91 22.04 14.19 23.32
C LYS C 91 21.56 13.46 22.07
N GLU C 92 21.12 14.23 21.09
CA GLU C 92 20.60 13.74 19.83
C GLU C 92 21.68 13.74 18.76
N VAL C 93 21.75 12.68 17.98
CA VAL C 93 22.66 12.64 16.82
C VAL C 93 21.88 12.15 15.63
N LEU C 94 22.01 12.85 14.52
CA LEU C 94 21.41 12.37 13.29
C LEU C 94 22.51 11.63 12.52
N LYS C 95 22.36 10.31 12.33
CA LYS C 95 23.27 9.52 11.53
C LYS C 95 22.67 9.42 10.16
N THR C 96 23.34 9.98 9.16
CA THR C 96 22.84 10.06 7.81
C THR C 96 23.85 9.52 6.78
N LYS C 97 23.25 9.07 5.67
CA LYS C 97 23.96 8.83 4.41
C LYS C 97 23.27 9.67 3.34
N TRP C 98 24.02 10.00 2.30
CA TRP C 98 23.51 10.84 1.27
C TRP C 98 23.95 10.38 -0.11
N LEU C 99 23.18 10.86 -1.08
CA LEU C 99 23.55 10.76 -2.50
C LEU C 99 23.48 12.19 -3.07
N GLN C 100 24.51 12.54 -3.85
CA GLN C 100 24.49 13.81 -4.59
C GLN C 100 24.41 13.48 -6.07
N ARG C 101 23.37 13.98 -6.74
CA ARG C 101 23.20 13.83 -8.19
C ARG C 101 23.75 15.05 -8.90
N LEU C 102 24.64 14.82 -9.84
CA LEU C 102 25.11 15.83 -10.77
C LEU C 102 24.34 15.75 -12.07
N ALA C 103 24.18 16.89 -12.73
CA ALA C 103 23.55 16.94 -14.04
C ALA C 103 24.52 16.55 -15.13
N VAL C 104 24.15 15.63 -15.98
CA VAL C 104 24.94 15.32 -17.15
C VAL C 104 24.15 15.65 -18.41
N ASP C 105 24.87 15.67 -19.51
CA ASP C 105 24.32 16.12 -20.77
C ASP C 105 23.43 15.11 -21.46
N ASP C 106 23.72 13.82 -21.29
CA ASP C 106 22.94 12.81 -21.95
C ASP C 106 22.79 11.57 -21.11
N ILE C 107 21.69 10.83 -21.34
CA ILE C 107 21.43 9.58 -20.63
C ILE C 107 22.64 8.61 -20.67
N SER C 108 23.43 8.61 -21.75
CA SER C 108 24.63 7.76 -21.86
C SER C 108 25.73 8.06 -20.83
N ASP C 109 25.72 9.27 -20.27
CA ASP C 109 26.68 9.68 -19.24
C ASP C 109 26.19 9.38 -17.82
N ASP C 110 25.05 8.71 -17.68
CA ASP C 110 24.38 8.60 -16.37
C ASP C 110 25.27 7.96 -15.31
N TRP C 111 26.09 7.00 -15.73
CA TRP C 111 26.95 6.25 -14.80
C TRP C 111 27.85 7.08 -13.90
N ILE C 112 28.24 8.27 -14.38
CA ILE C 112 29.19 9.11 -13.68
C ILE C 112 28.56 10.02 -12.64
N ALA C 113 27.24 10.10 -12.60
CA ALA C 113 26.55 11.24 -12.02
C ALA C 113 26.16 11.20 -10.55
N THR C 114 26.46 10.12 -9.83
CA THR C 114 25.97 10.01 -8.46
C THR C 114 27.08 9.72 -7.45
N ARG C 115 27.34 10.71 -6.59
CA ARG C 115 28.23 10.53 -5.44
C ARG C 115 27.47 10.00 -4.21
N VAL C 116 28.20 9.29 -3.35
CA VAL C 116 27.64 8.78 -2.09
C VAL C 116 28.52 9.19 -0.92
N GLY C 117 27.89 9.42 0.23
CA GLY C 117 28.67 9.73 1.43
C GLY C 117 27.86 9.62 2.69
N ASN C 118 28.41 10.19 3.75
CA ASN C 118 27.80 10.16 5.08
C ASN C 118 27.98 11.50 5.78
N ASN C 119 27.13 11.76 6.76
CA ASN C 119 27.30 12.91 7.65
C ASN C 119 26.62 12.60 8.97
N ASP C 120 27.22 13.05 10.07
CA ASP C 120 26.55 13.05 11.37
C ASP C 120 26.23 14.51 11.74
N PHE C 121 25.03 14.76 12.19
CA PHE C 121 24.59 16.09 12.61
C PHE C 121 24.33 16.08 14.12
N THR C 122 24.64 17.21 14.75
CA THR C 122 24.21 17.44 16.14
C THR C 122 23.61 18.82 16.25
N ARG C 123 22.88 19.08 17.32
CA ARG C 123 22.21 20.37 17.48
C ARG C 123 23.24 21.45 17.70
N GLN C 124 23.03 22.59 17.08
CA GLN C 124 23.74 23.82 17.46
C GLN C 124 23.49 24.22 18.92
N ALA D 4 60.07 1.38 5.08
CA ALA D 4 58.67 1.34 4.53
C ALA D 4 58.15 2.74 4.20
N ARG D 5 57.59 2.90 3.00
CA ARG D 5 57.06 4.20 2.57
C ARG D 5 55.71 4.37 3.23
N LYS D 6 55.33 5.60 3.56
CA LYS D 6 53.99 5.86 4.09
C LYS D 6 52.97 5.54 3.00
N CYS D 7 51.79 5.13 3.45
CA CYS D 7 50.70 4.69 2.59
C CYS D 7 51.02 3.45 1.75
N SER D 8 51.96 2.64 2.23
CA SER D 8 51.97 1.23 1.87
C SER D 8 51.00 0.56 2.82
N LEU D 9 50.01 -0.15 2.27
CA LEU D 9 48.96 -0.70 3.11
C LEU D 9 49.46 -1.80 4.03
N THR D 10 50.59 -2.41 3.69
CA THR D 10 51.19 -3.46 4.53
C THR D 10 51.19 -3.08 6.01
N GLY D 11 50.76 -3.99 6.88
CA GLY D 11 50.71 -3.70 8.33
C GLY D 11 49.36 -3.98 8.97
N GLU D 12 49.16 -3.44 10.16
CA GLU D 12 47.98 -3.71 10.99
C GLU D 12 47.17 -2.42 11.18
N TRP D 13 45.85 -2.52 10.98
CA TRP D 13 44.99 -1.34 10.99
C TRP D 13 43.74 -1.63 11.82
N ASP D 14 43.14 -0.63 12.43
CA ASP D 14 41.80 -0.83 12.92
C ASP D 14 40.90 0.28 12.44
N ASN D 15 39.61 0.04 12.58
CA ASN D 15 38.63 1.06 12.20
C ASN D 15 37.74 1.52 13.33
N ASP D 16 36.88 2.48 12.99
CA ASP D 16 36.01 3.14 13.95
C ASP D 16 34.98 2.22 14.59
N LEU D 17 34.73 1.06 13.98
CA LEU D 17 33.80 0.06 14.55
C LEU D 17 34.52 -0.92 15.46
N GLY D 18 35.85 -0.87 15.46
CA GLY D 18 36.64 -1.80 16.24
C GLY D 18 37.18 -2.99 15.46
N SER D 19 36.92 -3.04 14.15
CA SER D 19 37.40 -4.12 13.29
C SER D 19 38.91 -3.98 13.11
N ILE D 20 39.59 -5.09 12.88
CA ILE D 20 41.03 -5.14 12.72
C ILE D 20 41.40 -5.81 11.41
N MET D 21 42.31 -5.23 10.66
CA MET D 21 42.70 -5.70 9.39
C MET D 21 44.23 -5.84 9.36
N THR D 22 44.72 -6.92 8.80
CA THR D 22 46.18 -7.05 8.58
C THR D 22 46.39 -7.25 7.10
N ILE D 23 47.34 -6.52 6.53
CA ILE D 23 47.63 -6.58 5.10
C ILE D 23 49.08 -7.04 4.92
N GLY D 24 49.30 -7.95 3.97
CA GLY D 24 50.61 -8.51 3.70
C GLY D 24 51.45 -7.59 2.83
N ALA D 25 52.50 -8.17 2.27
CA ALA D 25 53.40 -7.44 1.39
C ALA D 25 52.65 -7.02 0.12
N VAL D 26 52.93 -5.82 -0.34
CA VAL D 26 52.32 -5.27 -1.54
C VAL D 26 53.32 -5.50 -2.67
N ASN D 27 52.90 -6.19 -3.72
CA ASN D 27 53.84 -6.52 -4.79
C ASN D 27 54.06 -5.35 -5.73
N ASP D 28 54.84 -5.57 -6.79
CA ASP D 28 55.22 -4.50 -7.72
C ASP D 28 54.03 -3.86 -8.39
N ASN D 29 52.95 -4.63 -8.58
CA ASN D 29 51.76 -4.15 -9.26
C ASN D 29 50.71 -3.63 -8.29
N GLY D 30 51.04 -3.55 -7.00
CA GLY D 30 50.12 -3.01 -6.00
C GLY D 30 49.20 -4.04 -5.36
N GLU D 31 49.36 -5.31 -5.72
CA GLU D 31 48.47 -6.36 -5.20
C GLU D 31 48.83 -6.77 -3.78
N PHE D 32 47.81 -7.14 -3.00
CA PHE D 32 48.04 -7.59 -1.64
C PHE D 32 46.92 -8.47 -1.15
N ASP D 33 47.28 -9.32 -0.19
CA ASP D 33 46.29 -10.07 0.59
C ASP D 33 46.32 -9.65 2.06
N GLY D 34 45.47 -10.28 2.86
CA GLY D 34 45.34 -9.90 4.24
C GLY D 34 44.24 -10.68 4.92
N THR D 35 43.98 -10.31 6.17
CA THR D 35 42.92 -10.90 6.98
C THR D 35 42.14 -9.78 7.64
N TYR D 36 40.89 -10.09 7.99
CA TYR D 36 39.99 -9.08 8.49
C TYR D 36 39.19 -9.74 9.59
N ILE D 37 39.20 -9.12 10.77
CA ILE D 37 38.34 -9.51 11.90
C ILE D 37 37.34 -8.40 12.11
N THR D 38 36.11 -8.60 11.65
CA THR D 38 35.07 -7.61 11.86
C THR D 38 34.59 -7.60 13.32
N ALA D 39 34.29 -6.42 13.84
CA ALA D 39 33.69 -6.30 15.17
C ALA D 39 32.17 -6.53 15.15
N VAL D 40 31.59 -6.49 13.96
CA VAL D 40 30.13 -6.48 13.77
C VAL D 40 29.73 -7.37 12.58
N ALA D 41 28.52 -7.92 12.59
CA ALA D 41 28.03 -8.77 11.50
C ALA D 41 26.51 -8.92 11.62
N ASP D 42 25.90 -9.48 10.58
CA ASP D 42 24.50 -9.87 10.73
C ASP D 42 24.30 -10.84 11.89
N ASN D 43 25.23 -11.78 12.03
CA ASN D 43 25.24 -12.76 13.12
C ASN D 43 26.59 -12.73 13.86
N PRO D 44 26.74 -11.81 14.83
CA PRO D 44 28.04 -11.54 15.42
C PRO D 44 28.64 -12.73 16.17
N GLY D 45 27.79 -13.63 16.66
CA GLY D 45 28.30 -14.82 17.30
C GLY D 45 29.08 -15.72 16.38
N ASN D 46 28.84 -15.60 15.08
CA ASN D 46 29.44 -16.44 14.07
C ASN D 46 30.78 -15.89 13.55
N ILE D 47 31.17 -14.70 13.96
CA ILE D 47 32.32 -14.04 13.34
C ILE D 47 33.58 -14.89 13.47
N THR D 48 34.28 -15.06 12.36
CA THR D 48 35.64 -15.59 12.35
C THR D 48 36.52 -14.76 11.41
N LEU D 49 37.82 -14.84 11.63
CA LEU D 49 38.80 -14.25 10.74
C LEU D 49 38.53 -14.64 9.28
N SER D 50 38.59 -13.65 8.38
CA SER D 50 38.29 -13.83 6.98
C SER D 50 39.37 -13.23 6.08
N PRO D 51 39.59 -13.82 4.92
CA PRO D 51 40.62 -13.32 4.03
C PRO D 51 40.18 -12.15 3.14
N LEU D 52 41.17 -11.36 2.71
CA LEU D 52 40.91 -10.26 1.79
C LEU D 52 41.96 -10.24 0.69
N LEU D 53 41.62 -9.61 -0.42
CA LEU D 53 42.51 -9.48 -1.56
C LEU D 53 42.24 -8.14 -2.21
N GLY D 54 43.30 -7.41 -2.58
CA GLY D 54 43.06 -6.07 -3.15
C GLY D 54 44.25 -5.54 -3.92
N ILE D 55 44.10 -4.30 -4.35
CA ILE D 55 45.17 -3.62 -5.13
C ILE D 55 45.19 -2.16 -4.73
N GLN D 56 46.38 -1.60 -4.55
CA GLN D 56 46.59 -0.16 -4.33
C GLN D 56 47.42 0.41 -5.48
N HIS D 57 47.22 1.70 -5.71
CA HIS D 57 48.16 2.46 -6.52
C HIS D 57 49.46 2.71 -5.71
N LYS D 58 50.56 2.94 -6.45
CA LYS D 58 51.88 3.14 -5.82
C LYS D 58 52.59 4.45 -6.14
N ARG D 59 52.29 5.10 -7.27
CA ARG D 59 53.01 6.37 -7.59
C ARG D 59 52.67 7.50 -6.61
N ALA D 60 51.39 7.69 -6.33
CA ALA D 60 50.97 8.80 -5.46
C ALA D 60 51.36 8.56 -4.00
N SER D 61 51.74 9.61 -3.29
CA SER D 61 51.99 9.50 -1.87
C SER D 61 50.71 9.23 -1.06
N GLN D 62 49.58 9.61 -1.66
CA GLN D 62 48.22 9.42 -1.07
C GLN D 62 47.35 8.60 -2.04
N PRO D 63 47.63 7.31 -2.16
CA PRO D 63 47.08 6.47 -3.22
C PRO D 63 45.64 6.02 -2.96
N THR D 64 44.90 5.82 -4.04
CA THR D 64 43.62 5.07 -3.93
C THR D 64 43.90 3.57 -3.95
N PHE D 65 42.89 2.80 -3.48
CA PHE D 65 43.02 1.38 -3.28
C PHE D 65 41.64 0.80 -3.13
N GLY D 66 41.57 -0.53 -3.30
CA GLY D 66 40.34 -1.24 -2.97
C GLY D 66 40.67 -2.64 -2.55
N PHE D 67 39.71 -3.29 -1.88
CA PHE D 67 39.89 -4.70 -1.57
C PHE D 67 38.51 -5.35 -1.32
N THR D 68 38.53 -6.68 -1.47
CA THR D 68 37.38 -7.55 -1.30
C THR D 68 37.61 -8.44 -0.07
N VAL D 69 36.58 -8.57 0.77
CA VAL D 69 36.60 -9.47 1.92
C VAL D 69 35.58 -10.60 1.66
N HIS D 70 36.10 -11.83 1.61
CA HIS D 70 35.28 -13.07 1.50
C HIS D 70 35.01 -13.53 2.91
N TRP D 71 33.80 -13.25 3.42
CA TRP D 71 33.48 -13.63 4.80
C TRP D 71 33.44 -15.18 4.91
N ASN D 72 34.17 -15.71 5.88
CA ASN D 72 34.32 -17.18 6.00
C ASN D 72 33.19 -17.77 6.80
N PHE D 73 32.32 -16.94 7.35
CA PHE D 73 31.28 -17.38 8.27
C PHE D 73 29.88 -17.08 7.78
N SER D 74 29.77 -16.54 6.58
CA SER D 74 28.45 -16.23 5.99
C SER D 74 28.63 -16.28 4.47
N GLU D 75 27.54 -16.07 3.76
CA GLU D 75 27.56 -16.13 2.31
C GLU D 75 27.77 -14.76 1.70
N SER D 76 28.05 -13.80 2.56
CA SER D 76 28.24 -12.39 2.17
C SER D 76 29.64 -12.12 1.66
N THR D 77 29.75 -11.03 0.88
CA THR D 77 31.05 -10.49 0.46
C THR D 77 30.96 -8.99 0.66
N SER D 78 32.06 -8.38 1.10
CA SER D 78 32.14 -6.92 1.17
C SER D 78 33.29 -6.41 0.31
N VAL D 79 33.14 -5.20 -0.21
CA VAL D 79 34.26 -4.51 -0.87
C VAL D 79 34.40 -3.12 -0.24
N PHE D 80 35.67 -2.69 -0.16
CA PHE D 80 36.08 -1.40 0.41
C PHE D 80 36.89 -0.67 -0.66
N VAL D 81 36.65 0.65 -0.81
CA VAL D 81 37.49 1.46 -1.69
C VAL D 81 37.76 2.77 -0.99
N GLY D 82 38.96 3.30 -1.20
CA GLY D 82 39.32 4.48 -0.48
C GLY D 82 40.62 5.08 -0.94
N GLN D 83 41.08 6.01 -0.11
CA GLN D 83 42.35 6.73 -0.34
C GLN D 83 43.08 6.78 1.00
N CYS D 84 44.39 6.64 0.93
CA CYS D 84 45.25 6.73 2.08
C CYS D 84 45.85 8.14 2.10
N PHE D 85 45.62 8.82 3.21
CA PHE D 85 46.11 10.19 3.38
C PHE D 85 47.18 10.19 4.46
N VAL D 86 48.13 11.13 4.33
CA VAL D 86 49.20 11.30 5.35
C VAL D 86 49.25 12.76 5.76
N ASP D 87 49.15 13.06 7.05
CA ASP D 87 49.25 14.45 7.48
C ASP D 87 50.71 14.85 7.69
N ARG D 88 50.94 16.11 8.05
CA ARG D 88 52.32 16.59 8.18
C ARG D 88 53.11 15.92 9.32
N SER D 89 52.40 15.31 10.27
CA SER D 89 53.07 14.57 11.34
C SER D 89 53.38 13.16 10.89
N GLY D 90 52.89 12.79 9.71
CA GLY D 90 53.13 11.48 9.15
C GLY D 90 52.07 10.48 9.53
N LYS D 91 50.97 10.94 10.12
CA LYS D 91 49.85 10.03 10.54
C LYS D 91 49.01 9.66 9.32
N GLU D 92 48.88 8.35 9.08
CA GLU D 92 48.13 7.79 7.94
C GLU D 92 46.68 7.52 8.35
N VAL D 93 45.75 7.88 7.48
CA VAL D 93 44.35 7.52 7.64
C VAL D 93 43.84 6.95 6.34
N LEU D 94 43.18 5.79 6.39
CA LEU D 94 42.46 5.26 5.23
C LEU D 94 41.04 5.73 5.32
N LYS D 95 40.61 6.54 4.37
CA LYS D 95 39.21 6.97 4.29
C LYS D 95 38.55 6.04 3.28
N THR D 96 37.60 5.23 3.74
CA THR D 96 36.97 4.23 2.89
C THR D 96 35.45 4.33 2.88
N LYS D 97 34.87 3.84 1.79
CA LYS D 97 33.45 3.52 1.69
C LYS D 97 33.36 2.07 1.27
N TRP D 98 32.26 1.44 1.66
CA TRP D 98 32.12 0.01 1.42
C TRP D 98 30.73 -0.34 0.95
N LEU D 99 30.68 -1.50 0.29
CA LEU D 99 29.40 -2.16 -0.03
C LEU D 99 29.46 -3.55 0.53
N GLN D 100 28.38 -3.94 1.21
CA GLN D 100 28.25 -5.35 1.67
C GLN D 100 27.09 -6.02 0.92
N ARG D 101 27.40 -7.12 0.27
CA ARG D 101 26.45 -7.90 -0.50
C ARG D 101 26.03 -9.13 0.28
N LEU D 102 24.73 -9.24 0.47
CA LEU D 102 24.05 -10.44 0.98
C LEU D 102 23.67 -11.37 -0.15
N ALA D 103 23.69 -12.67 0.16
CA ALA D 103 23.20 -13.68 -0.77
C ALA D 103 21.68 -13.82 -0.67
N VAL D 104 20.99 -13.67 -1.80
CA VAL D 104 19.54 -13.96 -1.86
C VAL D 104 19.25 -15.14 -2.81
N ASP D 105 18.14 -15.85 -2.63
CA ASP D 105 17.98 -17.06 -3.47
C ASP D 105 17.35 -16.85 -4.80
N ASP D 106 16.66 -15.72 -4.95
CA ASP D 106 15.92 -15.39 -6.15
C ASP D 106 16.44 -14.04 -6.66
N ILE D 107 16.82 -14.01 -7.93
CA ILE D 107 17.18 -12.75 -8.62
C ILE D 107 16.16 -11.64 -8.46
N SER D 108 14.88 -11.95 -8.33
CA SER D 108 13.82 -10.96 -8.04
C SER D 108 14.02 -10.21 -6.71
N ASP D 109 14.81 -10.77 -5.79
CA ASP D 109 15.09 -10.12 -4.52
C ASP D 109 16.42 -9.36 -4.52
N ASP D 110 17.03 -9.21 -5.69
CA ASP D 110 18.33 -8.52 -5.78
C ASP D 110 18.32 -7.14 -5.16
N TRP D 111 17.21 -6.43 -5.26
CA TRP D 111 17.13 -5.06 -4.79
C TRP D 111 17.45 -4.94 -3.29
N ILE D 112 17.27 -6.00 -2.53
CA ILE D 112 17.40 -5.95 -1.07
C ILE D 112 18.80 -6.14 -0.53
N ALA D 113 19.70 -6.55 -1.42
CA ALA D 113 20.87 -7.28 -1.02
C ALA D 113 22.18 -6.49 -0.85
N THR D 114 22.20 -5.16 -1.05
CA THR D 114 23.43 -4.38 -0.93
C THR D 114 23.28 -3.24 0.06
N ARG D 115 24.10 -3.29 1.10
CA ARG D 115 24.25 -2.23 2.05
C ARG D 115 25.47 -1.36 1.72
N VAL D 116 25.39 -0.10 2.14
CA VAL D 116 26.50 0.88 1.94
C VAL D 116 26.89 1.54 3.25
N GLY D 117 28.17 1.86 3.35
CA GLY D 117 28.66 2.57 4.52
C GLY D 117 30.07 3.09 4.38
N ASN D 118 30.64 3.46 5.51
CA ASN D 118 31.95 4.06 5.50
C ASN D 118 32.76 3.57 6.68
N ASN D 119 34.07 3.69 6.55
CA ASN D 119 34.97 3.40 7.69
C ASN D 119 36.28 4.17 7.54
N ASP D 120 36.78 4.68 8.66
CA ASP D 120 38.13 5.24 8.69
C ASP D 120 39.05 4.26 9.40
N PHE D 121 40.20 3.96 8.83
CA PHE D 121 41.19 3.05 9.43
C PHE D 121 42.45 3.86 9.78
N THR D 122 43.06 3.49 10.89
CA THR D 122 44.37 4.01 11.30
C THR D 122 45.23 2.83 11.75
N ARG D 123 46.53 3.02 11.78
CA ARG D 123 47.44 1.95 12.20
C ARG D 123 47.20 1.55 13.64
N GLN D 124 47.30 0.25 13.88
CA GLN D 124 47.03 -0.32 15.20
C GLN D 124 48.21 0.02 16.10
N ALA E 4 -14.26 -11.64 34.46
CA ALA E 4 -14.90 -11.73 33.10
C ALA E 4 -13.87 -11.71 31.98
N ARG E 5 -14.00 -12.61 31.00
CA ARG E 5 -13.17 -12.57 29.80
C ARG E 5 -13.46 -11.34 28.94
N LYS E 6 -12.42 -10.78 28.33
CA LYS E 6 -12.63 -9.75 27.32
C LYS E 6 -13.54 -10.32 26.21
N CYS E 7 -14.35 -9.43 25.66
CA CYS E 7 -15.25 -9.72 24.58
C CYS E 7 -16.39 -10.67 24.97
N SER E 8 -16.65 -10.86 26.27
CA SER E 8 -17.99 -11.26 26.66
C SER E 8 -18.86 -10.03 26.53
N LEU E 9 -19.94 -10.11 25.75
CA LEU E 9 -20.70 -8.89 25.45
C LEU E 9 -21.50 -8.35 26.63
N THR E 10 -21.58 -9.16 27.69
CA THR E 10 -22.31 -8.74 28.88
C THR E 10 -21.82 -7.39 29.32
N GLY E 11 -22.74 -6.48 29.62
CA GLY E 11 -22.39 -5.14 30.07
C GLY E 11 -23.07 -4.02 29.30
N GLU E 12 -22.49 -2.84 29.39
CA GLU E 12 -23.05 -1.64 28.84
C GLU E 12 -22.16 -1.05 27.75
N TRP E 13 -22.77 -0.70 26.60
CA TRP E 13 -22.02 -0.20 25.45
C TRP E 13 -22.70 1.02 24.86
N ASP E 14 -21.93 1.92 24.27
CA ASP E 14 -22.56 2.93 23.43
C ASP E 14 -21.93 2.97 22.07
N ASN E 15 -22.62 3.58 21.12
CA ASN E 15 -22.07 3.70 19.78
C ASN E 15 -21.89 5.12 19.33
N ASP E 16 -21.36 5.27 18.10
CA ASP E 16 -21.00 6.54 17.51
C ASP E 16 -22.18 7.51 17.28
N LEU E 17 -23.40 6.98 17.28
CA LEU E 17 -24.59 7.80 17.20
C LEU E 17 -25.09 8.27 18.57
N GLY E 18 -24.55 7.69 19.65
CA GLY E 18 -25.04 7.96 20.98
C GLY E 18 -26.06 6.95 21.49
N SER E 19 -26.33 5.92 20.73
CA SER E 19 -27.24 4.89 21.20
C SER E 19 -26.56 4.10 22.33
N ILE E 20 -27.38 3.56 23.24
CA ILE E 20 -26.91 2.76 24.37
C ILE E 20 -27.52 1.39 24.38
N MET E 21 -26.69 0.38 24.61
CA MET E 21 -27.13 -0.99 24.64
C MET E 21 -26.63 -1.62 25.92
N THR E 22 -27.49 -2.44 26.53
CA THR E 22 -27.11 -3.21 27.71
C THR E 22 -27.33 -4.67 27.37
N ILE E 23 -26.36 -5.50 27.68
CA ILE E 23 -26.40 -6.90 27.35
C ILE E 23 -26.32 -7.70 28.67
N GLY E 24 -27.18 -8.72 28.79
CA GLY E 24 -27.20 -9.58 29.98
C GLY E 24 -26.15 -10.67 29.95
N ALA E 25 -26.31 -11.65 30.84
CA ALA E 25 -25.38 -12.77 30.90
C ALA E 25 -25.43 -13.58 29.60
N VAL E 26 -24.26 -14.00 29.15
CA VAL E 26 -24.15 -14.86 27.97
C VAL E 26 -24.11 -16.30 28.44
N ASN E 27 -25.04 -17.12 27.98
CA ASN E 27 -25.09 -18.50 28.43
C ASN E 27 -24.02 -19.39 27.78
N ASP E 28 -24.04 -20.69 28.08
CA ASP E 28 -23.01 -21.60 27.57
C ASP E 28 -23.04 -21.72 26.06
N ASN E 29 -24.18 -21.44 25.45
CA ASN E 29 -24.28 -21.49 23.99
C ASN E 29 -24.07 -20.13 23.32
N GLY E 30 -23.73 -19.12 24.10
CA GLY E 30 -23.43 -17.80 23.57
C GLY E 30 -24.66 -16.92 23.46
N GLU E 31 -25.81 -17.41 23.90
CA GLU E 31 -27.06 -16.65 23.77
C GLU E 31 -27.14 -15.54 24.80
N PHE E 32 -27.72 -14.41 24.43
CA PHE E 32 -27.91 -13.27 25.32
C PHE E 32 -29.14 -12.48 24.97
N ASP E 33 -29.68 -11.79 25.97
CA ASP E 33 -30.69 -10.78 25.75
C ASP E 33 -30.15 -9.42 26.18
N GLY E 34 -30.97 -8.40 26.03
CA GLY E 34 -30.57 -7.06 26.41
C GLY E 34 -31.59 -6.01 26.04
N THR E 35 -31.18 -4.75 26.18
CA THR E 35 -32.04 -3.62 25.86
C THR E 35 -31.26 -2.63 25.02
N TYR E 36 -31.97 -1.84 24.23
CA TYR E 36 -31.33 -0.93 23.28
C TYR E 36 -32.11 0.38 23.35
N ILE E 37 -31.39 1.48 23.60
CA ILE E 37 -31.94 2.83 23.55
C ILE E 37 -31.32 3.55 22.35
N THR E 38 -32.06 3.66 21.25
CA THR E 38 -31.49 4.32 20.08
C THR E 38 -31.49 5.81 20.26
N ALA E 39 -30.45 6.48 19.76
CA ALA E 39 -30.43 7.92 19.74
C ALA E 39 -31.23 8.55 18.59
N VAL E 40 -31.54 7.73 17.60
CA VAL E 40 -32.20 8.18 16.37
C VAL E 40 -33.29 7.21 15.94
N ALA E 41 -34.21 7.71 15.12
CA ALA E 41 -35.29 6.87 14.62
C ALA E 41 -36.04 7.60 13.50
N ASP E 42 -36.91 6.91 12.78
CA ASP E 42 -37.80 7.59 11.86
C ASP E 42 -38.65 8.67 12.57
N ASN E 43 -39.14 8.33 13.75
CA ASN E 43 -39.93 9.24 14.57
C ASN E 43 -39.27 9.34 15.96
N PRO E 44 -38.28 10.22 16.11
CA PRO E 44 -37.48 10.22 17.32
C PRO E 44 -38.30 10.52 18.60
N GLY E 45 -39.38 11.28 18.48
CA GLY E 45 -40.21 11.58 19.66
C GLY E 45 -40.87 10.33 20.22
N ASN E 46 -40.98 9.28 19.41
CA ASN E 46 -41.59 8.03 19.85
C ASN E 46 -40.62 7.06 20.50
N ILE E 47 -39.30 7.34 20.48
CA ILE E 47 -38.33 6.36 20.94
C ILE E 47 -38.57 5.94 22.40
N THR E 48 -38.59 4.63 22.60
CA THR E 48 -38.58 4.03 23.90
C THR E 48 -37.62 2.86 23.93
N LEU E 49 -37.25 2.45 25.13
CA LEU E 49 -36.37 1.34 25.33
C LEU E 49 -36.91 0.09 24.64
N SER E 50 -36.05 -0.67 23.97
CA SER E 50 -36.45 -1.83 23.18
C SER E 50 -35.58 -3.08 23.47
N PRO E 51 -36.17 -4.26 23.41
CA PRO E 51 -35.47 -5.48 23.70
C PRO E 51 -34.67 -6.02 22.52
N LEU E 52 -33.59 -6.71 22.82
CA LEU E 52 -32.78 -7.39 21.85
C LEU E 52 -32.49 -8.83 22.28
N LEU E 53 -32.16 -9.67 21.33
CA LEU E 53 -31.82 -11.06 21.57
C LEU E 53 -30.77 -11.42 20.56
N GLY E 54 -29.75 -12.18 20.96
CA GLY E 54 -28.69 -12.48 20.06
C GLY E 54 -27.77 -13.61 20.50
N ILE E 55 -26.75 -13.86 19.71
CA ILE E 55 -25.77 -14.95 19.97
C ILE E 55 -24.39 -14.51 19.59
N GLN E 56 -23.39 -14.80 20.45
CA GLN E 56 -22.00 -14.61 20.13
C GLN E 56 -21.31 -15.97 20.15
N HIS E 57 -20.20 -16.07 19.45
CA HIS E 57 -19.30 -17.20 19.66
C HIS E 57 -18.64 -17.03 21.04
N LYS E 58 -18.46 -18.15 21.71
CA LYS E 58 -18.05 -18.13 23.12
C LYS E 58 -16.52 -18.22 23.34
N ARG E 59 -15.87 -19.11 22.63
CA ARG E 59 -14.47 -19.47 22.91
C ARG E 59 -13.43 -18.54 22.29
N ALA E 60 -13.75 -17.93 21.15
CA ALA E 60 -12.78 -17.07 20.49
C ALA E 60 -12.43 -15.85 21.33
N SER E 61 -11.19 -15.41 21.19
CA SER E 61 -10.71 -14.19 21.84
C SER E 61 -11.39 -12.94 21.26
N GLN E 62 -11.68 -13.01 19.96
CA GLN E 62 -12.28 -11.88 19.22
C GLN E 62 -13.51 -12.44 18.47
N PRO E 63 -14.57 -12.73 19.20
CA PRO E 63 -15.69 -13.46 18.59
C PRO E 63 -16.54 -12.63 17.64
N THR E 64 -17.14 -13.33 16.68
CA THR E 64 -18.23 -12.68 15.91
C THR E 64 -19.54 -12.92 16.64
N PHE E 65 -20.57 -12.12 16.30
CA PHE E 65 -21.84 -12.14 17.02
C PHE E 65 -22.88 -11.45 16.16
N GLY E 66 -24.13 -11.67 16.53
CA GLY E 66 -25.28 -10.94 15.92
C GLY E 66 -26.38 -10.78 16.90
N PHE E 67 -27.26 -9.81 16.68
CA PHE E 67 -28.43 -9.64 17.52
C PHE E 67 -29.52 -8.91 16.74
N THR E 68 -30.76 -9.16 17.18
CA THR E 68 -31.96 -8.57 16.65
C THR E 68 -32.56 -7.60 17.67
N VAL E 69 -32.93 -6.41 17.24
CA VAL E 69 -33.70 -5.47 18.07
C VAL E 69 -35.14 -5.40 17.56
N HIS E 70 -36.10 -5.75 18.42
CA HIS E 70 -37.51 -5.55 18.15
C HIS E 70 -37.85 -4.17 18.68
N TRP E 71 -38.04 -3.22 17.79
CA TRP E 71 -38.35 -1.87 18.21
C TRP E 71 -39.76 -1.85 18.84
N ASN E 72 -39.86 -1.34 20.06
CA ASN E 72 -41.16 -1.33 20.75
C ASN E 72 -42.07 -0.17 20.35
N PHE E 73 -41.55 0.75 19.55
CA PHE E 73 -42.29 1.97 19.24
C PHE E 73 -42.58 2.14 17.76
N SER E 74 -42.20 1.15 16.96
CA SER E 74 -42.47 1.12 15.55
C SER E 74 -42.62 -0.32 15.09
N GLU E 75 -43.00 -0.51 13.83
CA GLU E 75 -43.17 -1.84 13.25
C GLU E 75 -41.86 -2.39 12.64
N SER E 76 -40.80 -1.63 12.84
CA SER E 76 -39.48 -1.98 12.32
C SER E 76 -38.74 -3.03 13.17
N THR E 77 -37.81 -3.70 12.54
CA THR E 77 -36.85 -4.59 13.20
C THR E 77 -35.46 -4.29 12.63
N SER E 78 -34.45 -4.30 13.50
CA SER E 78 -33.07 -4.15 13.02
C SER E 78 -32.27 -5.35 13.45
N VAL E 79 -31.26 -5.68 12.66
CA VAL E 79 -30.25 -6.66 12.99
C VAL E 79 -28.89 -6.03 12.88
N PHE E 80 -27.99 -6.50 13.76
CA PHE E 80 -26.60 -6.06 13.82
C PHE E 80 -25.73 -7.30 13.79
N VAL E 81 -24.62 -7.25 13.07
CA VAL E 81 -23.66 -8.37 13.04
C VAL E 81 -22.29 -7.74 13.09
N GLY E 82 -21.36 -8.41 13.76
CA GLY E 82 -20.04 -7.84 13.91
C GLY E 82 -19.08 -8.74 14.64
N GLN E 83 -17.96 -8.13 14.98
CA GLN E 83 -16.92 -8.84 15.68
C GLN E 83 -16.43 -7.95 16.80
N CYS E 84 -16.09 -8.57 17.93
CA CYS E 84 -15.49 -7.88 19.03
C CYS E 84 -13.98 -8.01 18.90
N PHE E 85 -13.28 -6.88 18.93
CA PHE E 85 -11.81 -6.83 18.89
C PHE E 85 -11.29 -6.32 20.23
N VAL E 86 -10.10 -6.78 20.60
CA VAL E 86 -9.46 -6.32 21.84
C VAL E 86 -8.01 -6.01 21.50
N ASP E 87 -7.60 -4.79 21.79
CA ASP E 87 -6.25 -4.34 21.46
C ASP E 87 -5.28 -4.73 22.58
N ARG E 88 -4.03 -4.29 22.44
CA ARG E 88 -2.97 -4.72 23.37
C ARG E 88 -3.17 -4.16 24.79
N SER E 89 -3.76 -2.97 24.88
CA SER E 89 -4.12 -2.38 26.18
C SER E 89 -5.36 -2.97 26.84
N GLY E 90 -6.07 -3.87 26.14
CA GLY E 90 -7.29 -4.48 26.67
C GLY E 90 -8.60 -3.77 26.31
N LYS E 91 -8.53 -2.77 25.44
CA LYS E 91 -9.72 -2.02 25.05
C LYS E 91 -10.51 -2.80 23.99
N GLU E 92 -11.81 -2.95 24.23
CA GLU E 92 -12.70 -3.71 23.35
C GLU E 92 -13.44 -2.76 22.39
N VAL E 93 -13.59 -3.16 21.13
CA VAL E 93 -14.46 -2.41 20.22
C VAL E 93 -15.31 -3.44 19.47
N LEU E 94 -16.61 -3.13 19.36
CA LEU E 94 -17.50 -3.90 18.50
C LEU E 94 -17.64 -3.21 17.17
N LYS E 95 -17.12 -3.82 16.13
CA LYS E 95 -17.28 -3.34 14.75
C LYS E 95 -18.50 -4.05 14.16
N THR E 96 -19.52 -3.27 13.83
CA THR E 96 -20.80 -3.85 13.39
C THR E 96 -21.31 -3.19 12.10
N LYS E 97 -22.07 -4.00 11.40
CA LYS E 97 -22.89 -3.52 10.29
C LYS E 97 -24.31 -3.95 10.62
N TRP E 98 -25.27 -3.21 10.11
CA TRP E 98 -26.66 -3.48 10.43
C TRP E 98 -27.57 -3.31 9.23
N LEU E 99 -28.72 -3.98 9.34
CA LEU E 99 -29.87 -3.76 8.43
C LEU E 99 -31.08 -3.38 9.24
N GLN E 100 -31.81 -2.37 8.77
CA GLN E 100 -33.08 -1.96 9.37
C GLN E 100 -34.20 -2.27 8.38
N ARG E 101 -35.18 -3.06 8.82
CA ARG E 101 -36.35 -3.41 8.01
C ARG E 101 -37.53 -2.59 8.40
N LEU E 102 -38.13 -1.93 7.42
CA LEU E 102 -39.39 -1.22 7.55
C LEU E 102 -40.53 -2.16 7.14
N ALA E 103 -41.69 -1.99 7.78
CA ALA E 103 -42.88 -2.71 7.40
C ALA E 103 -43.55 -2.02 6.23
N VAL E 104 -43.84 -2.76 5.17
CA VAL E 104 -44.65 -2.25 4.04
C VAL E 104 -45.92 -3.09 3.88
N ASP E 105 -46.98 -2.53 3.30
CA ASP E 105 -48.23 -3.28 3.27
C ASP E 105 -48.34 -4.20 2.11
N ASP E 106 -47.57 -3.97 1.05
CA ASP E 106 -47.63 -4.97 0.03
C ASP E 106 -46.27 -5.45 -0.45
N ILE E 107 -46.25 -6.73 -0.76
CA ILE E 107 -45.05 -7.42 -1.15
C ILE E 107 -44.39 -6.78 -2.37
N SER E 108 -45.18 -6.15 -3.24
CA SER E 108 -44.68 -5.48 -4.40
C SER E 108 -43.77 -4.29 -4.03
N ASP E 109 -43.88 -3.74 -2.81
CA ASP E 109 -43.03 -2.65 -2.36
C ASP E 109 -41.82 -3.14 -1.49
N ASP E 110 -41.57 -4.43 -1.46
CA ASP E 110 -40.48 -4.99 -0.66
C ASP E 110 -39.14 -4.27 -0.93
N TRP E 111 -38.91 -3.87 -2.18
CA TRP E 111 -37.61 -3.30 -2.59
C TRP E 111 -37.27 -2.04 -1.77
N ILE E 112 -38.27 -1.35 -1.23
CA ILE E 112 -38.03 -0.06 -0.58
C ILE E 112 -37.62 -0.19 0.92
N ALA E 113 -37.68 -1.41 1.46
CA ALA E 113 -37.88 -1.59 2.89
C ALA E 113 -36.66 -1.90 3.73
N THR E 114 -35.46 -2.00 3.15
CA THR E 114 -34.27 -2.34 3.96
C THR E 114 -33.13 -1.32 3.82
N ARG E 115 -32.80 -0.71 4.95
CA ARG E 115 -31.67 0.25 5.06
C ARG E 115 -30.46 -0.52 5.57
N VAL E 116 -29.28 0.00 5.24
CA VAL E 116 -28.00 -0.61 5.70
C VAL E 116 -27.12 0.44 6.27
N GLY E 117 -26.30 0.05 7.27
CA GLY E 117 -25.30 0.96 7.82
C GLY E 117 -24.34 0.25 8.73
N ASN E 118 -23.63 1.06 9.52
CA ASN E 118 -22.55 0.57 10.37
C ASN E 118 -22.60 1.29 11.69
N ASN E 119 -22.03 0.66 12.72
CA ASN E 119 -21.83 1.32 14.02
C ASN E 119 -20.62 0.65 14.70
N ASP E 120 -19.89 1.47 15.44
CA ASP E 120 -18.86 0.95 16.35
C ASP E 120 -19.32 1.19 17.76
N PHE E 121 -19.18 0.16 18.60
CA PHE E 121 -19.55 0.27 20.01
C PHE E 121 -18.29 0.11 20.86
N THR E 122 -18.27 0.85 21.96
CA THR E 122 -17.27 0.67 23.01
C THR E 122 -17.97 0.66 24.35
N ARG E 123 -17.28 0.18 25.39
CA ARG E 123 -17.89 0.11 26.73
C ARG E 123 -18.26 1.50 27.26
N GLN E 124 -19.43 1.58 27.88
CA GLN E 124 -19.95 2.84 28.41
C GLN E 124 -19.13 3.28 29.63
N ALA F 4 -20.80 -8.74 -31.59
CA ALA F 4 -21.79 -9.00 -30.50
C ALA F 4 -21.26 -9.94 -29.41
N ARG F 5 -20.42 -9.43 -28.56
CA ARG F 5 -19.86 -10.22 -27.47
C ARG F 5 -20.90 -10.56 -26.36
N LYS F 6 -21.00 -11.81 -25.90
CA LYS F 6 -21.81 -12.15 -24.71
C LYS F 6 -21.29 -11.38 -23.51
N CYS F 7 -22.20 -10.83 -22.70
CA CYS F 7 -21.85 -10.07 -21.48
C CYS F 7 -21.17 -8.74 -21.76
N SER F 8 -21.29 -8.25 -22.99
CA SER F 8 -21.16 -6.85 -23.27
C SER F 8 -22.49 -6.21 -22.83
N LEU F 9 -22.41 -5.15 -22.05
CA LEU F 9 -23.62 -4.57 -21.54
C LEU F 9 -24.41 -3.79 -22.59
N THR F 10 -23.79 -3.47 -23.72
CA THR F 10 -24.47 -2.78 -24.79
C THR F 10 -25.76 -3.54 -25.11
N GLY F 11 -26.87 -2.80 -25.22
CA GLY F 11 -28.17 -3.39 -25.52
C GLY F 11 -29.22 -3.07 -24.45
N GLU F 12 -30.30 -3.85 -24.46
CA GLU F 12 -31.49 -3.63 -23.70
C GLU F 12 -31.69 -4.77 -22.72
N TRP F 13 -31.97 -4.41 -21.47
CA TRP F 13 -32.09 -5.34 -20.34
C TRP F 13 -33.30 -5.03 -19.50
N ASP F 14 -33.99 -6.06 -19.02
CA ASP F 14 -35.18 -6.02 -18.13
C ASP F 14 -34.71 -6.52 -16.77
N ASN F 15 -35.30 -6.03 -15.70
CA ASN F 15 -35.08 -6.65 -14.37
C ASN F 15 -36.36 -7.15 -13.74
N ASP F 16 -36.23 -7.79 -12.59
CA ASP F 16 -37.33 -8.42 -11.89
C ASP F 16 -38.31 -7.46 -11.24
N LEU F 17 -38.03 -6.16 -11.21
CA LEU F 17 -39.01 -5.16 -10.78
C LEU F 17 -39.75 -4.52 -11.98
N GLY F 18 -39.41 -4.91 -13.19
CA GLY F 18 -39.97 -4.33 -14.38
C GLY F 18 -39.22 -3.11 -14.92
N SER F 19 -38.07 -2.79 -14.34
CA SER F 19 -37.26 -1.73 -14.86
C SER F 19 -36.55 -2.20 -16.12
N ILE F 20 -36.12 -1.24 -16.92
CA ILE F 20 -35.45 -1.47 -18.21
C ILE F 20 -34.28 -0.55 -18.27
N MET F 21 -33.18 -0.99 -18.87
CA MET F 21 -32.11 -0.08 -19.18
C MET F 21 -31.64 -0.35 -20.60
N THR F 22 -31.19 0.69 -21.26
CA THR F 22 -30.59 0.61 -22.57
C THR F 22 -29.26 1.29 -22.57
N ILE F 23 -28.25 0.50 -22.98
CA ILE F 23 -26.86 0.85 -22.83
C ILE F 23 -26.18 0.94 -24.18
N GLY F 24 -25.35 1.97 -24.36
CA GLY F 24 -24.64 2.16 -25.60
C GLY F 24 -23.39 1.33 -25.74
N ALA F 25 -22.54 1.74 -26.68
CA ALA F 25 -21.30 1.03 -26.93
C ALA F 25 -20.41 1.10 -25.69
N VAL F 26 -19.70 0.01 -25.46
CA VAL F 26 -18.72 -0.09 -24.37
C VAL F 26 -17.37 0.24 -24.98
N ASN F 27 -16.65 1.19 -24.40
CA ASN F 27 -15.43 1.65 -25.03
C ASN F 27 -14.26 0.71 -24.70
N ASP F 28 -13.06 1.05 -25.19
CA ASP F 28 -11.95 0.10 -25.10
C ASP F 28 -11.57 -0.16 -23.65
N ASN F 29 -11.88 0.78 -22.77
CA ASN F 29 -11.59 0.68 -21.34
C ASN F 29 -12.77 0.14 -20.52
N GLY F 30 -13.87 -0.24 -21.15
CA GLY F 30 -14.98 -0.83 -20.45
C GLY F 30 -16.05 0.17 -20.03
N GLU F 31 -15.89 1.45 -20.37
CA GLU F 31 -16.90 2.48 -19.96
C GLU F 31 -18.12 2.48 -20.84
N PHE F 32 -19.28 2.74 -20.23
CA PHE F 32 -20.52 2.79 -20.97
C PHE F 32 -21.47 3.80 -20.32
N ASP F 33 -22.41 4.25 -21.13
CA ASP F 33 -23.51 5.12 -20.64
C ASP F 33 -24.82 4.56 -21.18
N GLY F 34 -25.92 5.11 -20.69
CA GLY F 34 -27.22 4.59 -21.08
C GLY F 34 -28.35 5.33 -20.40
N THR F 35 -29.56 4.79 -20.55
CA THR F 35 -30.78 5.35 -19.96
C THR F 35 -31.41 4.26 -19.13
N TYR F 36 -31.76 4.59 -17.88
CA TYR F 36 -32.47 3.70 -16.98
C TYR F 36 -33.93 4.11 -16.88
N ILE F 37 -34.83 3.15 -16.98
CA ILE F 37 -36.26 3.39 -16.95
C ILE F 37 -36.83 2.56 -15.80
N THR F 38 -36.86 3.14 -14.62
CA THR F 38 -37.36 2.44 -13.45
C THR F 38 -38.87 2.24 -13.52
N ALA F 39 -39.35 1.08 -13.08
CA ALA F 39 -40.77 0.82 -12.95
C ALA F 39 -41.32 1.18 -11.58
N VAL F 40 -40.43 1.51 -10.65
CA VAL F 40 -40.73 1.75 -9.25
C VAL F 40 -39.93 2.96 -8.71
N ALA F 41 -40.47 3.65 -7.72
CA ALA F 41 -39.82 4.77 -7.12
C ALA F 41 -40.46 5.13 -5.78
N ASP F 42 -39.79 5.99 -5.03
CA ASP F 42 -40.41 6.60 -3.84
C ASP F 42 -41.67 7.37 -4.22
N ASN F 43 -41.65 8.02 -5.38
CA ASN F 43 -42.79 8.78 -5.86
C ASN F 43 -43.05 8.36 -7.31
N PRO F 44 -43.79 7.27 -7.50
CA PRO F 44 -43.95 6.72 -8.85
C PRO F 44 -44.54 7.66 -9.91
N GLY F 45 -45.37 8.62 -9.49
CA GLY F 45 -45.97 9.55 -10.45
C GLY F 45 -44.93 10.46 -11.09
N ASN F 46 -43.76 10.59 -10.44
CA ASN F 46 -42.69 11.44 -10.95
C ASN F 46 -41.70 10.70 -11.84
N ILE F 47 -41.85 9.40 -11.98
CA ILE F 47 -40.84 8.63 -12.74
C ILE F 47 -40.59 9.18 -14.14
N THR F 48 -39.32 9.30 -14.53
CA THR F 48 -38.96 9.63 -15.88
C THR F 48 -37.58 9.03 -16.16
N LEU F 49 -37.15 9.14 -17.40
CA LEU F 49 -35.87 8.62 -17.87
C LEU F 49 -34.72 9.21 -17.08
N SER F 50 -33.73 8.38 -16.73
CA SER F 50 -32.58 8.87 -16.02
C SER F 50 -31.29 8.27 -16.57
N PRO F 51 -30.21 9.07 -16.63
CA PRO F 51 -28.97 8.60 -17.21
C PRO F 51 -28.19 7.70 -16.30
N LEU F 52 -27.45 6.78 -16.89
CA LEU F 52 -26.52 5.94 -16.15
C LEU F 52 -25.14 6.00 -16.79
N LEU F 53 -24.13 5.68 -15.99
CA LEU F 53 -22.74 5.69 -16.41
C LEU F 53 -22.02 4.62 -15.61
N GLY F 54 -21.23 3.77 -16.25
CA GLY F 54 -20.57 2.71 -15.53
C GLY F 54 -19.37 2.17 -16.25
N ILE F 55 -18.82 1.12 -15.68
CA ILE F 55 -17.64 0.45 -16.23
C ILE F 55 -17.77 -1.06 -16.03
N GLN F 56 -17.42 -1.82 -17.06
CA GLN F 56 -17.34 -3.29 -16.98
C GLN F 56 -15.91 -3.75 -17.27
N HIS F 57 -15.60 -4.97 -16.84
CA HIS F 57 -14.40 -5.64 -17.26
C HIS F 57 -14.61 -6.18 -18.67
N LYS F 58 -13.58 -6.09 -19.49
CA LYS F 58 -13.68 -6.33 -20.94
C LYS F 58 -13.27 -7.70 -21.38
N ARG F 59 -12.37 -8.34 -20.66
CA ARG F 59 -11.79 -9.62 -21.10
C ARG F 59 -12.42 -10.87 -20.50
N ALA F 60 -12.83 -10.82 -19.23
CA ALA F 60 -13.41 -11.97 -18.57
C ALA F 60 -14.60 -12.57 -19.33
N SER F 61 -14.73 -13.88 -19.32
CA SER F 61 -15.90 -14.50 -19.95
C SER F 61 -17.21 -14.14 -19.22
N GLN F 62 -17.12 -13.93 -17.93
CA GLN F 62 -18.26 -13.61 -17.06
C GLN F 62 -17.88 -12.39 -16.22
N PRO F 63 -17.89 -11.22 -16.81
CA PRO F 63 -17.27 -10.03 -16.20
C PRO F 63 -18.08 -9.40 -15.05
N THR F 64 -17.40 -8.77 -14.07
CA THR F 64 -18.09 -7.90 -13.13
C THR F 64 -18.21 -6.51 -13.73
N PHE F 65 -19.09 -5.69 -13.16
CA PHE F 65 -19.36 -4.36 -13.65
C PHE F 65 -20.05 -3.59 -12.58
N GLY F 66 -20.09 -2.27 -12.75
CA GLY F 66 -20.93 -1.40 -11.91
C GLY F 66 -21.44 -0.23 -12.71
N PHE F 67 -22.47 0.43 -12.17
CA PHE F 67 -22.96 1.67 -12.77
C PHE F 67 -23.70 2.51 -11.76
N THR F 68 -23.76 3.81 -12.05
CA THR F 68 -24.45 4.81 -11.23
C THR F 68 -25.61 5.31 -12.06
N VAL F 69 -26.75 5.47 -11.38
CA VAL F 69 -27.91 6.12 -11.98
C VAL F 69 -28.20 7.43 -11.23
N HIS F 70 -28.18 8.52 -11.99
CA HIS F 70 -28.50 9.85 -11.49
C HIS F 70 -29.99 10.04 -11.76
N TRP F 71 -30.82 9.94 -10.74
CA TRP F 71 -32.28 10.05 -10.96
C TRP F 71 -32.63 11.47 -11.34
N ASN F 72 -33.35 11.62 -12.47
CA ASN F 72 -33.68 12.96 -12.98
C ASN F 72 -34.93 13.57 -12.31
N PHE F 73 -35.58 12.82 -11.45
CA PHE F 73 -36.87 13.21 -10.84
C PHE F 73 -36.85 13.22 -9.33
N SER F 74 -35.67 12.99 -8.73
CA SER F 74 -35.49 13.13 -7.28
C SER F 74 -34.03 13.52 -7.00
N GLU F 75 -33.70 13.75 -5.74
CA GLU F 75 -32.33 14.08 -5.37
C GLU F 75 -31.48 12.81 -5.07
N SER F 76 -32.08 11.66 -5.30
CA SER F 76 -31.45 10.38 -5.03
C SER F 76 -30.43 10.00 -6.12
N THR F 77 -29.54 9.09 -5.72
CA THR F 77 -28.62 8.41 -6.63
C THR F 77 -28.62 6.92 -6.27
N SER F 78 -28.60 6.04 -7.28
CA SER F 78 -28.45 4.60 -7.03
C SER F 78 -27.17 4.11 -7.67
N VAL F 79 -26.59 3.08 -7.08
CA VAL F 79 -25.47 2.35 -7.73
C VAL F 79 -25.79 0.87 -7.73
N PHE F 80 -25.36 0.21 -8.82
CA PHE F 80 -25.57 -1.23 -9.05
C PHE F 80 -24.21 -1.84 -9.27
N VAL F 81 -23.96 -3.04 -8.72
CA VAL F 81 -22.72 -3.77 -9.01
C VAL F 81 -23.08 -5.23 -9.17
N GLY F 82 -22.38 -5.94 -10.04
CA GLY F 82 -22.76 -7.31 -10.29
C GLY F 82 -21.80 -8.03 -11.21
N GLN F 83 -22.24 -9.23 -11.58
CA GLN F 83 -21.52 -10.08 -12.51
C GLN F 83 -22.48 -10.56 -13.60
N CYS F 84 -22.00 -10.59 -14.83
CA CYS F 84 -22.72 -11.13 -15.94
C CYS F 84 -22.27 -12.58 -16.16
N PHE F 85 -23.23 -13.51 -16.15
CA PHE F 85 -22.96 -14.94 -16.31
C PHE F 85 -23.53 -15.38 -17.65
N VAL F 86 -22.89 -16.36 -18.30
CA VAL F 86 -23.33 -16.88 -19.62
C VAL F 86 -23.41 -18.39 -19.50
N ASP F 87 -24.60 -18.95 -19.64
CA ASP F 87 -24.74 -20.42 -19.54
C ASP F 87 -24.34 -21.11 -20.85
N ARG F 88 -24.36 -22.45 -20.88
CA ARG F 88 -23.86 -23.18 -22.05
C ARG F 88 -24.66 -22.92 -23.34
N SER F 89 -25.91 -22.48 -23.19
CA SER F 89 -26.80 -22.15 -24.30
C SER F 89 -26.65 -20.72 -24.77
N GLY F 90 -25.81 -19.93 -24.09
CA GLY F 90 -25.58 -18.56 -24.45
C GLY F 90 -26.48 -17.57 -23.71
N LYS F 91 -27.28 -18.03 -22.76
CA LYS F 91 -28.17 -17.11 -22.04
C LYS F 91 -27.37 -16.29 -20.99
N GLU F 92 -27.54 -14.99 -21.06
CA GLU F 92 -26.89 -14.02 -20.15
C GLU F 92 -27.80 -13.64 -19.00
N VAL F 93 -27.26 -13.55 -17.78
CA VAL F 93 -27.99 -13.00 -16.64
C VAL F 93 -27.05 -12.05 -15.92
N LEU F 94 -27.55 -10.85 -15.57
CA LEU F 94 -26.80 -9.96 -14.70
C LEU F 94 -27.31 -10.17 -13.29
N LYS F 95 -26.44 -10.61 -12.39
CA LYS F 95 -26.75 -10.76 -11.00
C LYS F 95 -26.21 -9.52 -10.28
N THR F 96 -27.11 -8.67 -9.74
CA THR F 96 -26.68 -7.39 -9.17
C THR F 96 -27.19 -7.17 -7.75
N LYS F 97 -26.45 -6.32 -7.04
CA LYS F 97 -26.89 -5.75 -5.78
C LYS F 97 -26.78 -4.25 -5.95
N TRP F 98 -27.59 -3.50 -5.25
CA TRP F 98 -27.63 -2.06 -5.38
C TRP F 98 -27.72 -1.36 -4.04
N LEU F 99 -27.30 -0.10 -4.04
CA LEU F 99 -27.52 0.83 -2.96
C LEU F 99 -28.24 2.05 -3.54
N GLN F 100 -29.28 2.49 -2.84
CA GLN F 100 -29.95 3.75 -3.19
C GLN F 100 -29.73 4.74 -2.05
N ARG F 101 -29.16 5.91 -2.40
CA ARG F 101 -28.92 6.97 -1.50
C ARG F 101 -29.98 8.04 -1.59
N LEU F 102 -30.60 8.32 -0.45
CA LEU F 102 -31.50 9.47 -0.33
C LEU F 102 -30.75 10.70 0.16
N ALA F 103 -31.23 11.88 -0.24
CA ALA F 103 -30.71 13.16 0.23
C ALA F 103 -31.29 13.47 1.59
N VAL F 104 -30.44 13.74 2.56
CA VAL F 104 -30.91 14.23 3.85
C VAL F 104 -30.38 15.63 4.14
N ASP F 105 -31.01 16.33 5.08
CA ASP F 105 -30.71 17.74 5.31
C ASP F 105 -29.45 18.01 6.10
N ASP F 106 -29.07 17.11 6.99
CA ASP F 106 -27.88 17.31 7.80
C ASP F 106 -27.10 16.04 7.98
N ILE F 107 -25.80 16.20 8.19
CA ILE F 107 -24.90 15.09 8.32
C ILE F 107 -25.33 14.16 9.47
N SER F 108 -26.00 14.69 10.50
CA SER F 108 -26.45 13.88 11.64
C SER F 108 -27.58 12.89 11.30
N ASP F 109 -28.21 13.07 10.13
CA ASP F 109 -29.25 12.17 9.65
C ASP F 109 -28.68 11.11 8.69
N ASP F 110 -27.36 11.12 8.50
CA ASP F 110 -26.76 10.24 7.49
C ASP F 110 -27.14 8.75 7.62
N TRP F 111 -27.24 8.28 8.86
CA TRP F 111 -27.53 6.89 9.14
C TRP F 111 -28.76 6.35 8.40
N ILE F 112 -29.74 7.21 8.12
CA ILE F 112 -31.05 6.75 7.62
C ILE F 112 -31.09 6.61 6.09
N ALA F 113 -30.03 7.04 5.42
CA ALA F 113 -30.15 7.47 4.00
C ALA F 113 -29.82 6.45 2.96
N THR F 114 -29.42 5.23 3.33
CA THR F 114 -29.01 4.26 2.31
C THR F 114 -29.78 2.95 2.36
N ARG F 115 -30.52 2.68 1.30
CA ARG F 115 -31.27 1.45 1.13
C ARG F 115 -30.38 0.45 0.38
N VAL F 116 -30.59 -0.86 0.58
CA VAL F 116 -29.86 -1.93 -0.11
C VAL F 116 -30.86 -2.90 -0.70
N GLY F 117 -30.51 -3.45 -1.84
CA GLY F 117 -31.29 -4.51 -2.44
C GLY F 117 -30.60 -5.23 -3.57
N ASN F 118 -31.40 -5.92 -4.38
CA ASN F 118 -30.89 -6.83 -5.40
C ASN F 118 -31.75 -6.72 -6.65
N ASN F 119 -31.17 -7.07 -7.79
CA ASN F 119 -31.91 -7.21 -9.03
C ASN F 119 -31.20 -8.17 -9.94
N ASP F 120 -31.99 -8.97 -10.65
CA ASP F 120 -31.45 -9.82 -11.72
C ASP F 120 -31.95 -9.23 -13.06
N PHE F 121 -31.05 -9.10 -14.02
CA PHE F 121 -31.41 -8.59 -15.37
C PHE F 121 -31.22 -9.68 -16.41
N THR F 122 -32.10 -9.67 -17.42
CA THR F 122 -31.93 -10.50 -18.62
C THR F 122 -32.07 -9.63 -19.85
N ARG F 123 -31.48 -10.06 -20.95
CA ARG F 123 -31.48 -9.29 -22.16
C ARG F 123 -32.86 -9.34 -22.80
N GLN F 124 -33.34 -8.20 -23.30
CA GLN F 124 -34.64 -8.20 -23.95
C GLN F 124 -34.58 -9.05 -25.23
N HIS F 125 -35.68 -9.74 -25.54
CA HIS F 125 -35.68 -10.55 -26.76
C HIS F 125 -35.61 -9.69 -28.01
N THR F 126 -34.69 -10.07 -28.89
CA THR F 126 -34.56 -9.61 -30.29
C THR F 126 -33.07 -9.52 -30.59
N ARG G 5 -16.79 26.28 -5.65
CA ARG G 5 -18.10 25.91 -5.04
C ARG G 5 -17.99 24.61 -4.24
N LYS G 6 -18.51 24.64 -3.02
CA LYS G 6 -18.35 23.51 -2.12
C LYS G 6 -19.17 22.32 -2.65
N CYS G 7 -18.65 21.12 -2.40
CA CYS G 7 -19.28 19.87 -2.83
C CYS G 7 -19.33 19.67 -4.35
N SER G 8 -18.46 20.36 -5.08
CA SER G 8 -18.02 19.85 -6.38
C SER G 8 -16.99 18.80 -6.12
N LEU G 9 -17.20 17.59 -6.65
CA LEU G 9 -16.33 16.49 -6.27
C LEU G 9 -14.93 16.61 -6.83
N THR G 10 -14.74 17.49 -7.82
CA THR G 10 -13.42 17.72 -8.40
C THR G 10 -12.38 17.97 -7.31
N GLY G 11 -11.25 17.29 -7.42
CA GLY G 11 -10.14 17.43 -6.49
C GLY G 11 -9.63 16.13 -5.91
N GLU G 12 -8.97 16.24 -4.76
CA GLU G 12 -8.27 15.14 -4.15
C GLU G 12 -8.85 14.89 -2.75
N TRP G 13 -9.09 13.62 -2.45
CA TRP G 13 -9.78 13.21 -1.25
C TRP G 13 -9.05 11.99 -0.68
N ASP G 14 -9.13 11.79 0.62
CA ASP G 14 -8.74 10.52 1.21
C ASP G 14 -9.80 10.04 2.17
N ASN G 15 -9.75 8.75 2.49
CA ASN G 15 -10.75 8.16 3.38
C ASN G 15 -10.14 7.61 4.62
N ASP G 16 -11.02 7.09 5.47
CA ASP G 16 -10.63 6.58 6.76
C ASP G 16 -9.74 5.34 6.77
N LEU G 17 -9.69 4.63 5.64
CA LEU G 17 -8.81 3.47 5.47
C LEU G 17 -7.44 3.88 4.90
N GLY G 18 -7.28 5.16 4.56
CA GLY G 18 -6.03 5.62 3.97
C GLY G 18 -6.04 5.68 2.46
N SER G 19 -7.15 5.28 1.83
CA SER G 19 -7.25 5.34 0.38
C SER G 19 -7.36 6.78 -0.12
N ILE G 20 -6.95 6.99 -1.36
CA ILE G 20 -6.95 8.30 -1.96
C ILE G 20 -7.67 8.25 -3.27
N MET G 21 -8.44 9.29 -3.59
CA MET G 21 -8.95 9.42 -4.95
C MET G 21 -8.83 10.83 -5.47
N THR G 22 -8.62 10.94 -6.77
CA THR G 22 -8.57 12.21 -7.46
C THR G 22 -9.67 12.19 -8.49
N ILE G 23 -10.49 13.24 -8.47
CA ILE G 23 -11.61 13.37 -9.37
C ILE G 23 -11.35 14.58 -10.28
N GLY G 24 -11.65 14.43 -11.56
CA GLY G 24 -11.45 15.48 -12.57
C GLY G 24 -12.60 16.46 -12.64
N ALA G 25 -12.74 17.16 -13.77
CA ALA G 25 -13.82 18.15 -13.93
C ALA G 25 -15.17 17.45 -13.90
N VAL G 26 -16.17 18.08 -13.27
CA VAL G 26 -17.56 17.62 -13.30
C VAL G 26 -18.26 18.37 -14.42
N ASN G 27 -18.80 17.63 -15.37
CA ASN G 27 -19.39 18.27 -16.55
C ASN G 27 -20.79 18.79 -16.27
N ASP G 28 -21.44 19.36 -17.28
CA ASP G 28 -22.71 20.04 -17.08
C ASP G 28 -23.82 19.09 -16.62
N ASN G 29 -23.65 17.81 -16.96
CA ASN G 29 -24.54 16.70 -16.59
C ASN G 29 -24.19 16.06 -15.23
N GLY G 30 -23.14 16.54 -14.57
CA GLY G 30 -22.73 15.98 -13.27
C GLY G 30 -21.78 14.78 -13.36
N GLU G 31 -21.31 14.48 -14.57
CA GLU G 31 -20.45 13.30 -14.77
C GLU G 31 -19.01 13.64 -14.50
N PHE G 32 -18.25 12.67 -13.99
CA PHE G 32 -16.85 12.84 -13.66
C PHE G 32 -16.12 11.54 -13.79
N ASP G 33 -14.82 11.63 -14.05
CA ASP G 33 -13.91 10.47 -13.94
C ASP G 33 -12.82 10.75 -12.93
N GLY G 34 -11.95 9.80 -12.72
CA GLY G 34 -10.94 9.93 -11.73
C GLY G 34 -10.11 8.70 -11.57
N THR G 35 -9.24 8.73 -10.56
CA THR G 35 -8.31 7.65 -10.23
C THR G 35 -8.44 7.35 -8.74
N TYR G 36 -8.58 6.06 -8.42
CA TYR G 36 -8.71 5.60 -7.05
C TYR G 36 -7.45 4.81 -6.70
N ILE G 37 -6.86 5.12 -5.55
CA ILE G 37 -5.73 4.37 -5.02
C ILE G 37 -6.16 3.76 -3.71
N THR G 38 -6.49 2.45 -3.74
CA THR G 38 -6.89 1.81 -2.52
C THR G 38 -5.70 1.51 -1.60
N ALA G 39 -5.91 1.77 -0.31
CA ALA G 39 -4.92 1.45 0.73
C ALA G 39 -4.97 -0.01 1.16
N VAL G 40 -6.03 -0.72 0.80
CA VAL G 40 -6.27 -2.10 1.14
C VAL G 40 -6.77 -2.94 -0.06
N ALA G 41 -6.55 -4.24 -0.06
CA ALA G 41 -7.07 -5.11 -1.13
C ALA G 41 -6.88 -6.52 -0.67
N ASP G 42 -7.60 -7.43 -1.31
CA ASP G 42 -7.32 -8.86 -1.18
C ASP G 42 -5.81 -9.13 -1.34
N ASN G 43 -5.14 -8.46 -2.29
CA ASN G 43 -3.68 -8.58 -2.48
C ASN G 43 -2.95 -7.22 -2.63
N PRO G 44 -2.48 -6.62 -1.52
CA PRO G 44 -1.80 -5.31 -1.58
C PRO G 44 -0.58 -5.19 -2.46
N GLY G 45 0.15 -6.30 -2.62
CA GLY G 45 1.28 -6.36 -3.49
C GLY G 45 0.87 -6.24 -4.94
N ASN G 46 -0.43 -6.36 -5.21
CA ASN G 46 -0.96 -6.20 -6.59
C ASN G 46 -1.61 -4.85 -6.85
N ILE G 47 -1.76 -4.02 -5.83
CA ILE G 47 -2.46 -2.76 -5.99
C ILE G 47 -1.84 -1.86 -7.04
N THR G 48 -2.67 -1.32 -7.92
CA THR G 48 -2.22 -0.37 -8.92
C THR G 48 -3.30 0.71 -9.01
N LEU G 49 -3.00 1.83 -9.65
CA LEU G 49 -3.95 2.89 -9.89
C LEU G 49 -5.15 2.35 -10.68
N SER G 50 -6.37 2.72 -10.29
CA SER G 50 -7.57 2.22 -10.98
C SER G 50 -8.54 3.34 -11.29
N PRO G 51 -9.18 3.26 -12.47
CA PRO G 51 -10.09 4.29 -12.90
C PRO G 51 -11.47 4.23 -12.23
N LEU G 52 -12.04 5.42 -12.10
CA LEU G 52 -13.40 5.56 -11.56
C LEU G 52 -14.22 6.44 -12.51
N LEU G 53 -15.54 6.27 -12.45
CA LEU G 53 -16.46 7.02 -13.31
C LEU G 53 -17.75 7.14 -12.52
N GLY G 54 -18.31 8.36 -12.48
CA GLY G 54 -19.52 8.57 -11.70
C GLY G 54 -20.32 9.79 -12.08
N ILE G 55 -21.36 10.02 -11.29
CA ILE G 55 -22.24 11.17 -11.49
C ILE G 55 -22.64 11.73 -10.15
N GLN G 56 -22.64 13.07 -10.03
CA GLN G 56 -23.21 13.76 -8.88
C GLN G 56 -24.34 14.65 -9.33
N HIS G 57 -25.26 14.91 -8.40
CA HIS G 57 -26.22 15.98 -8.58
C HIS G 57 -25.47 17.31 -8.49
N LYS G 58 -25.88 18.28 -9.29
CA LYS G 58 -25.13 19.54 -9.36
C LYS G 58 -25.77 20.73 -8.65
N ARG G 59 -27.07 20.86 -8.71
CA ARG G 59 -27.71 22.03 -8.12
C ARG G 59 -27.70 22.04 -6.59
N ALA G 60 -27.97 20.89 -5.97
CA ALA G 60 -28.02 20.81 -4.51
C ALA G 60 -26.73 21.27 -3.82
N SER G 61 -26.88 22.01 -2.71
CA SER G 61 -25.71 22.42 -1.95
C SER G 61 -24.99 21.25 -1.27
N GLN G 62 -25.76 20.17 -0.98
CA GLN G 62 -25.21 18.94 -0.35
C GLN G 62 -25.68 17.74 -1.18
N PRO G 63 -25.07 17.58 -2.34
CA PRO G 63 -25.56 16.67 -3.37
C PRO G 63 -25.28 15.20 -3.10
N THR G 64 -26.20 14.35 -3.52
CA THR G 64 -25.86 12.91 -3.59
C THR G 64 -25.03 12.63 -4.85
N PHE G 65 -24.37 11.48 -4.83
CA PHE G 65 -23.51 11.06 -5.94
C PHE G 65 -23.21 9.56 -5.85
N GLY G 66 -22.69 9.03 -6.95
CA GLY G 66 -22.22 7.67 -6.96
C GLY G 66 -21.04 7.57 -7.91
N PHE G 67 -20.27 6.49 -7.76
CA PHE G 67 -19.22 6.16 -8.76
C PHE G 67 -18.87 4.67 -8.69
N THR G 68 -18.33 4.24 -9.82
CA THR G 68 -17.86 2.88 -9.99
C THR G 68 -16.35 2.91 -10.05
N VAL G 69 -15.69 1.94 -9.39
CA VAL G 69 -14.22 1.76 -9.57
C VAL G 69 -13.96 0.42 -10.26
N HIS G 70 -13.32 0.48 -11.43
CA HIS G 70 -12.90 -0.72 -12.14
C HIS G 70 -11.48 -1.01 -11.67
N TRP G 71 -11.33 -2.01 -10.82
CA TRP G 71 -10.00 -2.36 -10.31
C TRP G 71 -9.14 -2.89 -11.45
N ASN G 72 -7.96 -2.31 -11.63
CA ASN G 72 -7.06 -2.69 -12.72
C ASN G 72 -6.15 -3.86 -12.37
N PHE G 73 -6.28 -4.38 -11.18
CA PHE G 73 -5.39 -5.44 -10.67
C PHE G 73 -6.15 -6.65 -10.15
N SER G 74 -7.46 -6.67 -10.33
CA SER G 74 -8.29 -7.81 -10.01
C SER G 74 -9.53 -7.81 -10.89
N GLU G 75 -10.32 -8.88 -10.78
CA GLU G 75 -11.54 -8.98 -11.57
C GLU G 75 -12.73 -8.34 -10.84
N SER G 76 -12.48 -7.73 -9.71
CA SER G 76 -13.49 -7.11 -8.89
C SER G 76 -13.93 -5.75 -9.44
N THR G 77 -15.11 -5.32 -9.03
CA THR G 77 -15.61 -3.95 -9.25
C THR G 77 -16.21 -3.48 -7.92
N SER G 78 -16.00 -2.20 -7.57
CA SER G 78 -16.68 -1.62 -6.42
C SER G 78 -17.54 -0.43 -6.88
N VAL G 79 -18.61 -0.19 -6.14
CA VAL G 79 -19.40 1.03 -6.30
C VAL G 79 -19.56 1.70 -4.96
N PHE G 80 -19.60 3.04 -5.00
CA PHE G 80 -19.74 3.88 -3.82
C PHE G 80 -20.92 4.80 -4.09
N VAL G 81 -21.72 5.03 -3.06
CA VAL G 81 -22.80 6.02 -3.20
C VAL G 81 -22.87 6.81 -1.90
N GLY G 82 -23.23 8.09 -1.99
CA GLY G 82 -23.21 8.91 -0.79
C GLY G 82 -23.72 10.31 -1.02
N GLN G 83 -23.42 11.13 -0.03
CA GLN G 83 -23.81 12.55 -0.01
C GLN G 83 -22.65 13.37 0.50
N CYS G 84 -22.45 14.51 -0.13
CA CYS G 84 -21.43 15.47 0.30
C CYS G 84 -22.12 16.48 1.23
N PHE G 85 -21.54 16.66 2.41
CA PHE G 85 -22.06 17.61 3.41
C PHE G 85 -21.06 18.72 3.62
N VAL G 86 -21.55 19.91 3.92
CA VAL G 86 -20.67 21.06 4.24
C VAL G 86 -21.10 21.64 5.59
N ASP G 87 -20.16 21.78 6.51
CA ASP G 87 -20.47 22.29 7.83
C ASP G 87 -20.31 23.80 7.83
N ARG G 88 -20.67 24.44 8.93
CA ARG G 88 -20.70 25.90 8.89
C ARG G 88 -19.30 26.52 8.67
N SER G 89 -18.23 25.85 9.10
CA SER G 89 -16.86 26.29 8.78
C SER G 89 -16.46 26.06 7.32
N GLY G 90 -17.26 25.31 6.58
CA GLY G 90 -17.01 25.06 5.15
C GLY G 90 -16.29 23.74 4.88
N LYS G 91 -16.17 22.89 5.90
CA LYS G 91 -15.50 21.62 5.74
C LYS G 91 -16.47 20.65 5.05
N GLU G 92 -15.98 20.01 4.00
CA GLU G 92 -16.74 19.02 3.25
C GLU G 92 -16.39 17.60 3.71
N VAL G 93 -17.44 16.78 3.84
CA VAL G 93 -17.27 15.36 4.12
C VAL G 93 -18.17 14.59 3.16
N LEU G 94 -17.58 13.58 2.51
CA LEU G 94 -18.36 12.63 1.71
C LEU G 94 -18.65 11.42 2.59
N LYS G 95 -19.92 11.25 2.92
CA LYS G 95 -20.42 10.09 3.67
C LYS G 95 -20.84 9.05 2.63
N THR G 96 -20.15 7.91 2.58
CA THR G 96 -20.42 6.89 1.56
C THR G 96 -20.63 5.52 2.15
N LYS G 97 -21.38 4.72 1.40
CA LYS G 97 -21.46 3.30 1.57
C LYS G 97 -21.09 2.68 0.25
N TRP G 98 -20.58 1.47 0.32
CA TRP G 98 -20.05 0.79 -0.85
C TRP G 98 -20.43 -0.69 -0.91
N LEU G 99 -20.42 -1.20 -2.14
CA LEU G 99 -20.49 -2.64 -2.43
C LEU G 99 -19.29 -2.99 -3.22
N GLN G 100 -18.64 -4.10 -2.86
CA GLN G 100 -17.57 -4.70 -3.67
C GLN G 100 -17.97 -6.07 -4.20
N ARG G 101 -18.00 -6.22 -5.52
CA ARG G 101 -18.35 -7.46 -6.16
C ARG G 101 -17.06 -8.21 -6.47
N LEU G 102 -17.02 -9.48 -6.04
CA LEU G 102 -15.99 -10.42 -6.40
C LEU G 102 -16.49 -11.27 -7.56
N ALA G 103 -15.55 -11.68 -8.40
CA ALA G 103 -15.87 -12.63 -9.45
C ALA G 103 -15.94 -14.06 -8.96
N VAL G 104 -17.03 -14.74 -9.28
CA VAL G 104 -17.13 -16.19 -9.06
C VAL G 104 -17.32 -16.92 -10.37
N ASP G 105 -16.93 -18.19 -10.38
CA ASP G 105 -16.93 -18.95 -11.63
C ASP G 105 -18.29 -19.50 -12.03
N ASP G 106 -19.15 -19.74 -11.05
CA ASP G 106 -20.43 -20.45 -11.27
C ASP G 106 -21.53 -19.55 -10.70
N ILE G 107 -22.60 -19.35 -11.48
CA ILE G 107 -23.76 -18.57 -11.01
C ILE G 107 -24.33 -19.08 -9.67
N SER G 108 -24.14 -20.39 -9.40
CA SER G 108 -24.65 -20.95 -8.17
C SER G 108 -23.86 -20.48 -6.92
N ASP G 109 -22.69 -19.87 -7.11
CA ASP G 109 -21.95 -19.29 -6.02
C ASP G 109 -22.20 -17.79 -5.86
N ASP G 110 -23.22 -17.25 -6.55
CA ASP G 110 -23.43 -15.79 -6.57
C ASP G 110 -23.62 -15.21 -5.16
N TRP G 111 -24.22 -15.98 -4.28
CA TRP G 111 -24.55 -15.53 -2.93
C TRP G 111 -23.35 -15.01 -2.15
N ILE G 112 -22.16 -15.54 -2.47
CA ILE G 112 -20.95 -15.29 -1.70
C ILE G 112 -20.23 -13.99 -2.07
N ALA G 113 -20.65 -13.38 -3.18
CA ALA G 113 -19.78 -12.51 -3.95
C ALA G 113 -19.84 -11.02 -3.68
N THR G 114 -20.69 -10.57 -2.77
CA THR G 114 -20.81 -9.14 -2.55
C THR G 114 -20.54 -8.71 -1.10
N ARG G 115 -19.50 -7.87 -0.94
CA ARG G 115 -19.08 -7.30 0.33
C ARG G 115 -19.77 -5.91 0.44
N VAL G 116 -20.11 -5.52 1.66
CA VAL G 116 -20.70 -4.18 1.91
C VAL G 116 -19.86 -3.46 2.98
N GLY G 117 -19.80 -2.14 2.91
CA GLY G 117 -19.11 -1.36 3.90
C GLY G 117 -19.36 0.13 3.76
N ASN G 118 -18.50 0.94 4.41
CA ASN G 118 -18.69 2.36 4.48
C ASN G 118 -17.32 3.04 4.37
N ASN G 119 -17.32 4.30 4.01
CA ASN G 119 -16.11 5.14 4.06
C ASN G 119 -16.56 6.61 4.17
N ASP G 120 -15.80 7.38 4.92
CA ASP G 120 -15.95 8.82 4.96
C ASP G 120 -14.68 9.41 4.28
N PHE G 121 -14.87 10.35 3.38
CA PHE G 121 -13.77 11.03 2.68
C PHE G 121 -13.77 12.50 3.08
N THR G 122 -12.56 13.08 3.17
CA THR G 122 -12.36 14.52 3.34
C THR G 122 -11.28 14.95 2.34
N ARG G 123 -11.16 16.25 2.10
CA ARG G 123 -10.16 16.71 1.13
C ARG G 123 -8.75 16.38 1.59
N GLN G 124 -7.89 15.99 0.65
CA GLN G 124 -6.59 15.42 1.01
C GLN G 124 -5.63 16.53 1.41
N ARG H 5 -51.55 -19.11 13.48
CA ARG H 5 -51.82 -17.87 12.69
C ARG H 5 -50.88 -17.76 11.52
N LYS H 6 -51.35 -17.16 10.41
CA LYS H 6 -50.47 -16.90 9.28
C LYS H 6 -49.40 -15.91 9.74
N CYS H 7 -48.18 -16.18 9.30
CA CYS H 7 -47.02 -15.39 9.64
C CYS H 7 -46.58 -15.49 11.09
N SER H 8 -47.04 -16.52 11.79
CA SER H 8 -46.28 -17.03 12.91
C SER H 8 -45.12 -17.82 12.30
N LEU H 9 -43.87 -17.49 12.66
CA LEU H 9 -42.72 -18.10 12.00
C LEU H 9 -42.49 -19.59 12.37
N THR H 10 -43.12 -20.02 13.46
CA THR H 10 -43.07 -21.42 13.85
C THR H 10 -43.33 -22.34 12.65
N GLY H 11 -42.45 -23.33 12.48
CA GLY H 11 -42.58 -24.29 11.41
C GLY H 11 -41.31 -24.51 10.63
N GLU H 12 -41.46 -25.06 9.44
CA GLU H 12 -40.36 -25.44 8.58
C GLU H 12 -40.42 -24.64 7.28
N TRP H 13 -39.27 -24.08 6.92
CA TRP H 13 -39.14 -23.23 5.75
C TRP H 13 -37.96 -23.67 4.89
N ASP H 14 -38.01 -23.42 3.60
CA ASP H 14 -36.81 -23.46 2.81
C ASP H 14 -36.66 -22.22 1.97
N ASN H 15 -35.46 -22.01 1.46
CA ASN H 15 -35.19 -20.77 0.69
C ASN H 15 -34.70 -21.08 -0.70
N ASP H 16 -34.49 -20.05 -1.49
CA ASP H 16 -34.14 -20.19 -2.89
C ASP H 16 -32.80 -20.89 -3.14
N LEU H 17 -31.94 -20.96 -2.12
CA LEU H 17 -30.67 -21.66 -2.22
C LEU H 17 -30.77 -23.15 -1.86
N GLY H 18 -31.91 -23.54 -1.30
CA GLY H 18 -32.11 -24.89 -0.83
C GLY H 18 -31.86 -25.04 0.65
N SER H 19 -31.51 -23.96 1.36
CA SER H 19 -31.35 -24.03 2.79
C SER H 19 -32.65 -24.31 3.50
N ILE H 20 -32.58 -24.96 4.64
CA ILE H 20 -33.76 -25.34 5.39
C ILE H 20 -33.69 -24.79 6.80
N MET H 21 -34.78 -24.19 7.24
CA MET H 21 -34.90 -23.58 8.54
C MET H 21 -36.11 -24.12 9.31
N THR H 22 -35.92 -24.43 10.59
CA THR H 22 -37.04 -24.78 11.47
C THR H 22 -37.10 -23.78 12.61
N ILE H 23 -38.27 -23.26 12.92
CA ILE H 23 -38.44 -22.28 13.98
C ILE H 23 -39.40 -22.87 15.01
N GLY H 24 -39.07 -22.68 16.28
CA GLY H 24 -39.87 -23.25 17.36
C GLY H 24 -41.03 -22.35 17.71
N ALA H 25 -41.58 -22.56 18.90
CA ALA H 25 -42.67 -21.77 19.38
C ALA H 25 -42.28 -20.30 19.56
N VAL H 26 -43.16 -19.40 19.13
CA VAL H 26 -42.94 -17.97 19.32
C VAL H 26 -43.63 -17.57 20.62
N ASN H 27 -42.89 -16.94 21.52
CA ASN H 27 -43.44 -16.59 22.84
C ASN H 27 -44.21 -15.27 22.83
N ASP H 28 -44.73 -14.84 23.98
CA ASP H 28 -45.66 -13.70 23.99
C ASP H 28 -45.01 -12.39 23.52
N ASN H 29 -43.69 -12.29 23.66
CA ASN H 29 -42.97 -11.10 23.22
C ASN H 29 -42.37 -11.24 21.81
N GLY H 30 -42.61 -12.36 21.14
CA GLY H 30 -42.21 -12.53 19.75
C GLY H 30 -40.91 -13.26 19.57
N GLU H 31 -40.33 -13.75 20.67
CA GLU H 31 -39.02 -14.40 20.63
C GLU H 31 -39.15 -15.84 20.21
N PHE H 32 -38.16 -16.34 19.47
CA PHE H 32 -38.12 -17.73 19.02
C PHE H 32 -36.69 -18.22 18.86
N ASP H 33 -36.55 -19.55 18.92
CA ASP H 33 -35.32 -20.21 18.50
C ASP H 33 -35.62 -21.13 17.31
N GLY H 34 -34.60 -21.81 16.84
CA GLY H 34 -34.75 -22.65 15.69
C GLY H 34 -33.42 -23.23 15.26
N THR H 35 -33.44 -23.88 14.11
CA THR H 35 -32.27 -24.52 13.57
C THR H 35 -32.19 -24.21 12.07
N TYR H 36 -30.99 -24.22 11.53
CA TYR H 36 -30.76 -23.79 10.17
C TYR H 36 -29.75 -24.75 9.57
N ILE H 37 -30.11 -25.36 8.44
CA ILE H 37 -29.21 -26.14 7.60
C ILE H 37 -28.97 -25.40 6.31
N THR H 38 -27.83 -24.74 6.21
CA THR H 38 -27.51 -24.04 4.98
C THR H 38 -27.14 -25.01 3.87
N ALA H 39 -27.55 -24.69 2.63
CA ALA H 39 -27.11 -25.44 1.46
C ALA H 39 -25.71 -25.07 0.98
N VAL H 40 -25.23 -23.89 1.40
CA VAL H 40 -23.99 -23.31 0.94
C VAL H 40 -23.16 -22.76 2.12
N ALA H 41 -21.85 -22.67 1.91
CA ALA H 41 -20.94 -22.14 2.92
C ALA H 41 -19.60 -21.85 2.28
N ASP H 42 -18.74 -21.14 3.02
CA ASP H 42 -17.32 -21.04 2.67
C ASP H 42 -16.68 -22.44 2.53
N ASN H 43 -17.00 -23.34 3.46
CA ASN H 43 -16.50 -24.71 3.44
C ASN H 43 -17.70 -25.67 3.56
N PRO H 44 -18.33 -25.94 2.42
CA PRO H 44 -19.60 -26.69 2.48
C PRO H 44 -19.51 -28.12 3.02
N GLY H 45 -18.34 -28.72 2.86
CA GLY H 45 -18.07 -30.02 3.47
C GLY H 45 -18.18 -30.03 4.98
N ASN H 46 -18.08 -28.87 5.64
CA ASN H 46 -18.23 -28.77 7.09
C ASN H 46 -19.64 -28.49 7.59
N ILE H 47 -20.57 -28.22 6.67
CA ILE H 47 -21.89 -27.84 7.08
C ILE H 47 -22.52 -28.82 8.06
N THR H 48 -23.02 -28.27 9.16
CA THR H 48 -23.91 -28.98 10.08
C THR H 48 -25.02 -28.06 10.57
N LEU H 49 -26.08 -28.67 11.11
CA LEU H 49 -27.20 -27.98 11.72
C LEU H 49 -26.72 -26.96 12.74
N SER H 50 -27.22 -25.73 12.62
CA SER H 50 -26.80 -24.62 13.46
C SER H 50 -27.98 -23.90 14.09
N PRO H 51 -27.81 -23.39 15.33
CA PRO H 51 -28.89 -22.74 16.03
C PRO H 51 -29.10 -21.29 15.61
N LEU H 52 -30.34 -20.86 15.72
CA LEU H 52 -30.72 -19.48 15.57
C LEU H 52 -31.58 -18.99 16.73
N LEU H 53 -31.61 -17.67 16.89
CA LEU H 53 -32.49 -17.00 17.83
C LEU H 53 -32.96 -15.70 17.22
N GLY H 54 -34.22 -15.35 17.41
CA GLY H 54 -34.76 -14.12 16.83
C GLY H 54 -36.01 -13.58 17.46
N ILE H 55 -36.60 -12.55 16.86
CA ILE H 55 -37.77 -11.91 17.40
C ILE H 55 -38.61 -11.45 16.20
N GLN H 56 -39.91 -11.70 16.25
CA GLN H 56 -40.87 -11.10 15.34
C GLN H 56 -41.85 -10.16 16.04
N HIS H 57 -42.43 -9.25 15.26
CA HIS H 57 -43.59 -8.54 15.75
C HIS H 57 -44.78 -9.51 15.74
N LYS H 58 -45.74 -9.26 16.62
CA LYS H 58 -46.87 -10.21 16.79
C LYS H 58 -48.23 -9.74 16.32
N ARG H 59 -48.54 -8.46 16.50
CA ARG H 59 -49.84 -7.88 16.15
C ARG H 59 -50.07 -7.91 14.65
N ALA H 60 -49.09 -7.44 13.87
CA ALA H 60 -49.24 -7.42 12.41
C ALA H 60 -49.52 -8.77 11.73
N SER H 61 -50.41 -8.76 10.75
CA SER H 61 -50.62 -9.94 9.93
C SER H 61 -49.43 -10.21 9.00
N GLN H 62 -48.66 -9.15 8.71
CA GLN H 62 -47.45 -9.23 7.90
C GLN H 62 -46.28 -8.62 8.65
N PRO H 63 -45.80 -9.32 9.70
CA PRO H 63 -44.83 -8.74 10.60
C PRO H 63 -43.40 -8.74 10.07
N THR H 64 -42.66 -7.74 10.53
CA THR H 64 -41.20 -7.77 10.35
C THR H 64 -40.59 -8.65 11.45
N PHE H 65 -39.40 -9.16 11.17
CA PHE H 65 -38.72 -9.97 12.13
C PHE H 65 -37.21 -9.91 11.83
N GLY H 66 -36.44 -10.49 12.73
CA GLY H 66 -35.03 -10.78 12.45
C GLY H 66 -34.54 -11.95 13.29
N PHE H 67 -33.44 -12.55 12.85
CA PHE H 67 -32.77 -13.59 13.60
C PHE H 67 -31.28 -13.66 13.28
N THR H 68 -30.56 -14.26 14.23
CA THR H 68 -29.11 -14.53 14.18
C THR H 68 -28.86 -16.02 14.10
N VAL H 69 -27.99 -16.45 13.19
CA VAL H 69 -27.53 -17.82 13.14
C VAL H 69 -26.07 -17.88 13.61
N HIS H 70 -25.83 -18.68 14.66
CA HIS H 70 -24.50 -19.00 15.15
C HIS H 70 -24.06 -20.28 14.46
N TRP H 71 -23.28 -20.15 13.41
CA TRP H 71 -22.83 -21.30 12.66
C TRP H 71 -21.99 -22.18 13.57
N ASN H 72 -22.37 -23.45 13.65
CA ASN H 72 -21.62 -24.38 14.54
C ASN H 72 -20.40 -25.00 13.88
N PHE H 73 -20.14 -24.71 12.61
CA PHE H 73 -19.03 -25.30 11.87
C PHE H 73 -17.99 -24.29 11.35
N SER H 74 -18.16 -23.02 11.75
CA SER H 74 -17.23 -21.96 11.42
C SER H 74 -17.29 -20.89 12.49
N GLU H 75 -16.44 -19.86 12.35
CA GLU H 75 -16.40 -18.75 13.33
C GLU H 75 -17.27 -17.57 12.87
N SER H 76 -17.99 -17.80 11.79
CA SER H 76 -18.89 -16.79 11.22
C SER H 76 -20.23 -16.70 11.98
N THR H 77 -20.91 -15.55 11.79
CA THR H 77 -22.28 -15.36 12.27
C THR H 77 -23.05 -14.68 11.13
N SER H 78 -24.29 -15.10 10.92
CA SER H 78 -25.18 -14.37 9.97
C SER H 78 -26.39 -13.81 10.69
N VAL H 79 -26.93 -12.70 10.16
CA VAL H 79 -28.21 -12.19 10.59
C VAL H 79 -29.08 -12.01 9.35
N PHE H 80 -30.36 -12.22 9.58
CA PHE H 80 -31.42 -12.10 8.56
C PHE H 80 -32.45 -11.16 9.13
N VAL H 81 -33.01 -10.27 8.28
CA VAL H 81 -34.09 -9.37 8.68
C VAL H 81 -35.07 -9.32 7.51
N GLY H 82 -36.36 -9.24 7.81
CA GLY H 82 -37.34 -9.24 6.71
C GLY H 82 -38.74 -9.09 7.19
N GLN H 83 -39.63 -9.41 6.27
CA GLN H 83 -41.06 -9.30 6.53
C GLN H 83 -41.73 -10.55 6.00
N CYS H 84 -42.71 -11.03 6.76
CA CYS H 84 -43.53 -12.17 6.34
C CYS H 84 -44.77 -11.57 5.69
N PHE H 85 -45.02 -11.99 4.47
CA PHE H 85 -46.16 -11.53 3.68
C PHE H 85 -47.10 -12.70 3.50
N VAL H 86 -48.39 -12.41 3.42
CA VAL H 86 -49.36 -13.47 3.16
C VAL H 86 -50.25 -12.94 2.05
N ASP H 87 -50.31 -13.70 0.95
CA ASP H 87 -51.14 -13.28 -0.17
C ASP H 87 -52.59 -13.68 0.09
N ARG H 88 -53.45 -13.26 -0.83
CA ARG H 88 -54.89 -13.49 -0.71
C ARG H 88 -55.23 -14.96 -0.54
N SER H 89 -54.42 -15.84 -1.11
CA SER H 89 -54.62 -17.27 -1.05
C SER H 89 -54.15 -17.87 0.26
N GLY H 90 -53.50 -17.06 1.09
CA GLY H 90 -52.94 -17.52 2.35
C GLY H 90 -51.51 -18.02 2.20
N LYS H 91 -50.87 -17.84 1.04
CA LYS H 91 -49.47 -18.31 0.91
C LYS H 91 -48.50 -17.32 1.56
N GLU H 92 -47.64 -17.83 2.46
CA GLU H 92 -46.69 -17.01 3.22
C GLU H 92 -45.35 -16.97 2.51
N VAL H 93 -44.73 -15.79 2.47
CA VAL H 93 -43.37 -15.66 1.95
C VAL H 93 -42.59 -14.79 2.92
N LEU H 94 -41.42 -15.26 3.31
CA LEU H 94 -40.48 -14.40 4.05
C LEU H 94 -39.53 -13.78 3.05
N LYS H 95 -39.64 -12.45 2.91
CA LYS H 95 -38.70 -11.66 2.11
C LYS H 95 -37.61 -11.14 3.04
N THR H 96 -36.39 -11.65 2.86
CA THR H 96 -35.29 -11.30 3.76
C THR H 96 -34.07 -10.78 3.02
N LYS H 97 -33.31 -10.03 3.79
CA LYS H 97 -31.96 -9.62 3.45
C LYS H 97 -31.07 -10.04 4.62
N TRP H 98 -29.83 -10.32 4.33
CA TRP H 98 -28.91 -10.84 5.34
C TRP H 98 -27.52 -10.17 5.23
N LEU H 99 -26.81 -10.28 6.37
CA LEU H 99 -25.40 -9.97 6.46
C LEU H 99 -24.69 -11.22 7.03
N GLN H 100 -23.60 -11.59 6.40
CA GLN H 100 -22.70 -12.62 6.95
C GLN H 100 -21.39 -11.97 7.38
N ARG H 101 -21.04 -12.18 8.66
CA ARG H 101 -19.77 -11.67 9.25
C ARG H 101 -18.75 -12.81 9.27
N LEU H 102 -17.61 -12.55 8.67
CA LEU H 102 -16.45 -13.42 8.75
C LEU H 102 -15.59 -12.97 9.90
N ALA H 103 -14.88 -13.93 10.49
CA ALA H 103 -13.90 -13.60 11.54
C ALA H 103 -12.56 -13.22 10.90
N VAL H 104 -12.01 -12.08 11.27
CA VAL H 104 -10.64 -11.68 10.88
C VAL H 104 -9.79 -11.45 12.16
N ASP H 105 -8.50 -11.74 12.10
CA ASP H 105 -7.69 -11.65 13.34
C ASP H 105 -7.21 -10.24 13.61
N ASP H 106 -7.07 -9.44 12.53
CA ASP H 106 -6.53 -8.08 12.58
C ASP H 106 -7.68 -7.10 12.33
N ILE H 107 -7.89 -6.17 13.27
CA ILE H 107 -8.92 -5.13 13.13
C ILE H 107 -8.74 -4.27 11.88
N SER H 108 -7.50 -4.12 11.38
CA SER H 108 -7.27 -3.46 10.09
C SER H 108 -7.88 -4.16 8.87
N ASP H 109 -8.31 -5.42 9.03
CA ASP H 109 -8.95 -6.16 7.93
C ASP H 109 -10.47 -6.12 8.10
N ASP H 110 -10.99 -5.32 9.01
CA ASP H 110 -12.45 -5.34 9.25
C ASP H 110 -13.27 -5.06 8.00
N TRP H 111 -12.74 -4.20 7.13
CA TRP H 111 -13.41 -3.81 5.88
C TRP H 111 -13.83 -5.00 5.01
N ILE H 112 -13.13 -6.13 5.09
CA ILE H 112 -13.33 -7.26 4.19
C ILE H 112 -14.43 -8.19 4.68
N ALA H 113 -14.88 -7.99 5.92
CA ALA H 113 -15.50 -9.07 6.68
C ALA H 113 -16.99 -9.20 6.63
N THR H 114 -17.71 -8.37 5.86
CA THR H 114 -19.18 -8.47 5.86
C THR H 114 -19.74 -8.58 4.45
N ARG H 115 -20.38 -9.73 4.19
CA ARG H 115 -21.07 -10.04 2.94
C ARG H 115 -22.54 -9.65 3.14
N VAL H 116 -23.20 -9.26 2.02
CA VAL H 116 -24.63 -8.92 2.04
C VAL H 116 -25.34 -9.74 0.96
N GLY H 117 -26.58 -10.10 1.25
CA GLY H 117 -27.41 -10.76 0.24
C GLY H 117 -28.88 -10.79 0.60
N ASN H 118 -29.62 -11.65 -0.11
CA ASN H 118 -31.07 -11.78 0.06
C ASN H 118 -31.48 -13.22 -0.02
N ASN H 119 -32.62 -13.51 0.60
CA ASN H 119 -33.27 -14.81 0.41
C ASN H 119 -34.77 -14.68 0.58
N ASP H 120 -35.50 -15.49 -0.18
CA ASP H 120 -36.95 -15.66 -0.01
C ASP H 120 -37.18 -17.06 0.56
N PHE H 121 -38.00 -17.13 1.62
CA PHE H 121 -38.38 -18.42 2.21
C PHE H 121 -39.87 -18.68 2.03
N THR H 122 -40.21 -19.94 1.80
CA THR H 122 -41.60 -20.40 1.84
C THR H 122 -41.67 -21.67 2.69
N ARG H 123 -42.88 -22.05 3.07
CA ARG H 123 -43.08 -23.22 3.92
C ARG H 123 -42.66 -24.48 3.16
N GLN H 124 -41.97 -25.36 3.87
CA GLN H 124 -41.45 -26.58 3.28
C GLN H 124 -42.62 -27.52 2.95
N HIS H 125 -42.50 -28.25 1.83
CA HIS H 125 -43.56 -29.18 1.37
C HIS H 125 -43.61 -30.46 2.20
#